data_5JTU
#
_entry.id   5JTU
#
_cell.length_a   128.620
_cell.length_b   128.620
_cell.length_c   116.290
_cell.angle_alpha   90.00
_cell.angle_beta   90.00
_cell.angle_gamma   90.00
#
_symmetry.space_group_name_H-M   'P 43 21 2'
#
loop_
_entity.id
_entity.type
_entity.pdbx_description
1 polymer 'Glycogen phosphorylase, muscle form'
2 non-polymer "PYRIDOXAL-5'-PHOSPHATE"
3 non-polymer (1S)-1,5-anhydro-1-[5-(naphthalen-2-yl)-1H-imidazol-2-yl]-D-glucitol
4 non-polymer 'DIMETHYL SULFOXIDE'
5 water water
#
_entity_poly.entity_id   1
_entity_poly.type   'polypeptide(L)'
_entity_poly.pdbx_seq_one_letter_code
;MSRPLSDQEKRKQISVRGLAGVENVTELKKNFNRHLHFTLVKDRNVATPRDYYFALAHTVRDHLVGRWIRTQQHYYEKDP
KRIYYLSLEFYMGRTLQNTMVNLALENACDEATYQLGLDMEELEEIEEDAGLGNGGLGRLAACFLDSMATLGLAAYGYGI
RYEFGIFNQKICGGWQMEEADDWLRYGNPWEKARPEFTLPVHFYGRVEHTSQGAKWVDTQVVLAMPYDTPVPGYRNNVVN
TMRLWSAKAPNDFNLKDFNVGGYIQAVLDRNLAENISRVLYPNDNFFEGKELRLKQEYFVVAATLQDIIRRFKSSKFGCR
DPVRTNFDAFPDKVAIQLNDTHPSLAIPELMRVLVDLERLDWDKAWEVTVKTCAYTNHTVLPEALERWPVHLLETLLPRH
LQIIYEINQRFLNRVAAAFPGDVDRLRRMSLVEEGAVKRINMAHLCIAGSHAVNGVARIHSEILKKTIFKDFYELEPHKF
QNKTNGITPRRWLVLCNPGLAEIIAERIGEEYISDLDQLRKLLSYVDDEAFIRDVAKVKQENKLKFAAYLEREYKVHINP
NSLFDVQVKRIHEYKRQLLNCLHVITLYNRIKKEPNKFVVPRTVMIGGKAAPGYHMAKMIIKLITAIGDVVNHDPVVGDR
LRVIFLENYRVSLAEKVIPAADLSEQISTAGTEASGTGNMKFMLNGALTIGTMDGANVEMAEEAGEENFFIFGMRVEDVD
RLDQRGYNAQEYYDRIPELRQIIEQLSSGFFSPKQPDLFKDIVNMLMHHDRFKVFADYEEYVKCQERVSALYKNPREWTR
MVIRNIATSGKFSSDRTIAQYAREIWGVEPSRQRLPAPDEKIP
;
_entity_poly.pdbx_strand_id   A
#
loop_
_chem_comp.id
_chem_comp.type
_chem_comp.name
_chem_comp.formula
6NE non-polymer (1S)-1,5-anhydro-1-[5-(naphthalen-2-yl)-1H-imidazol-2-yl]-D-glucitol 'C19 H20 N2 O5'
DMS non-polymer 'DIMETHYL SULFOXIDE' 'C2 H6 O S'
PLP non-polymer PYRIDOXAL-5'-PHOSPHATE 'C8 H10 N O6 P'
#
# COMPACT_ATOMS: atom_id res chain seq x y z
N GLN A 13 -23.43 5.29 -20.84
CA GLN A 13 -23.16 6.74 -21.03
C GLN A 13 -21.79 6.97 -21.70
N ILE A 14 -20.74 6.33 -21.17
CA ILE A 14 -19.39 6.41 -21.76
C ILE A 14 -18.90 5.02 -22.19
N SER A 15 -18.19 4.99 -23.32
CA SER A 15 -17.85 3.73 -24.00
C SER A 15 -17.06 2.71 -23.16
N VAL A 16 -16.02 3.18 -22.46
CA VAL A 16 -15.16 2.27 -21.66
C VAL A 16 -15.91 1.55 -20.54
N ARG A 17 -17.12 1.99 -20.23
CA ARG A 17 -17.94 1.30 -19.24
C ARG A 17 -18.72 0.10 -19.80
N GLY A 18 -18.57 -0.17 -21.10
CA GLY A 18 -19.10 -1.39 -21.71
C GLY A 18 -20.52 -1.24 -22.22
N LEU A 19 -21.10 -2.34 -22.69
CA LEU A 19 -22.45 -2.34 -23.31
C LEU A 19 -23.59 -2.50 -22.30
N ALA A 20 -24.73 -1.89 -22.62
CA ALA A 20 -25.96 -2.08 -21.87
C ALA A 20 -27.07 -2.71 -22.75
N GLY A 21 -26.88 -3.97 -23.11
CA GLY A 21 -27.88 -4.69 -23.92
C GLY A 21 -29.18 -5.01 -23.19
N VAL A 22 -30.29 -5.04 -23.94
CA VAL A 22 -31.61 -5.22 -23.34
C VAL A 22 -31.72 -6.53 -22.54
N GLU A 23 -31.26 -7.62 -23.12
CA GLU A 23 -31.32 -8.91 -22.44
C GLU A 23 -30.57 -8.87 -21.10
N ASN A 24 -29.36 -8.31 -21.12
CA ASN A 24 -28.53 -8.19 -19.94
C ASN A 24 -29.12 -7.31 -18.85
N VAL A 25 -29.64 -6.14 -19.26
CA VAL A 25 -30.27 -5.22 -18.31
C VAL A 25 -31.50 -5.88 -17.72
N THR A 26 -32.26 -6.58 -18.56
CA THR A 26 -33.46 -7.28 -18.10
C THR A 26 -33.13 -8.33 -17.03
N GLU A 27 -32.09 -9.12 -17.28
CA GLU A 27 -31.62 -10.15 -16.33
C GLU A 27 -31.09 -9.58 -15.01
N LEU A 28 -30.26 -8.54 -15.09
CA LEU A 28 -29.82 -7.81 -13.88
C LEU A 28 -30.98 -7.26 -13.03
N LYS A 29 -31.99 -6.70 -13.68
CA LYS A 29 -33.14 -6.18 -12.96
C LYS A 29 -33.89 -7.27 -12.18
N LYS A 30 -34.08 -8.42 -12.80
CA LYS A 30 -34.81 -9.48 -12.14
C LYS A 30 -33.97 -10.17 -11.05
N ASN A 31 -32.66 -10.27 -11.23
CA ASN A 31 -31.80 -10.81 -10.16
C ASN A 31 -31.68 -9.85 -8.97
N PHE A 32 -31.66 -8.54 -9.23
CA PHE A 32 -31.70 -7.54 -8.16
C PHE A 32 -32.95 -7.70 -7.28
N ASN A 33 -34.10 -7.83 -7.93
CA ASN A 33 -35.35 -8.00 -7.20
C ASN A 33 -35.42 -9.31 -6.45
N ARG A 34 -34.89 -10.36 -7.06
CA ARG A 34 -34.81 -11.64 -6.44
C ARG A 34 -33.97 -11.56 -5.15
N HIS A 35 -32.79 -10.91 -5.23
CA HIS A 35 -31.94 -10.85 -4.06
C HIS A 35 -32.60 -10.00 -2.98
N LEU A 36 -33.27 -8.91 -3.35
CA LEU A 36 -33.88 -8.03 -2.37
C LEU A 36 -34.92 -8.80 -1.54
N HIS A 37 -35.60 -9.75 -2.19
CA HIS A 37 -36.70 -10.49 -1.58
C HIS A 37 -36.14 -11.67 -0.79
N PHE A 38 -35.45 -12.57 -1.48
CA PHE A 38 -35.00 -13.85 -0.93
C PHE A 38 -33.72 -13.76 -0.08
N THR A 39 -32.82 -12.86 -0.43
CA THR A 39 -31.51 -12.80 0.24
C THR A 39 -31.61 -11.80 1.38
N LEU A 40 -32.18 -10.65 1.10
CA LEU A 40 -32.27 -9.61 2.10
C LEU A 40 -33.52 -9.68 2.95
N VAL A 41 -34.56 -10.38 2.46
CA VAL A 41 -35.86 -10.47 3.16
C VAL A 41 -36.42 -9.07 3.40
N LYS A 42 -36.51 -8.31 2.32
CA LYS A 42 -37.09 -6.97 2.35
C LYS A 42 -38.06 -6.84 1.18
N ASP A 43 -39.02 -5.92 1.29
CA ASP A 43 -39.76 -5.45 0.10
C ASP A 43 -39.42 -3.98 -0.10
N ARG A 44 -39.73 -3.45 -1.29
CA ARG A 44 -39.41 -2.05 -1.65
C ARG A 44 -39.93 -1.01 -0.66
N ASN A 45 -41.00 -1.31 0.07
CA ASN A 45 -41.63 -0.28 0.94
C ASN A 45 -40.81 0.06 2.19
N VAL A 46 -39.98 -0.86 2.64
CA VAL A 46 -39.16 -0.62 3.83
C VAL A 46 -37.64 -0.68 3.54
N ALA A 47 -37.27 -0.87 2.28
CA ALA A 47 -35.87 -1.00 1.89
C ALA A 47 -35.18 0.35 1.95
N THR A 48 -33.95 0.35 2.45
CA THR A 48 -33.14 1.57 2.54
C THR A 48 -32.02 1.50 1.51
N PRO A 49 -31.33 2.62 1.28
CA PRO A 49 -30.20 2.60 0.37
C PRO A 49 -29.22 1.46 0.65
N ARG A 50 -28.96 1.16 1.91
CA ARG A 50 -28.06 0.06 2.26
C ARG A 50 -28.55 -1.27 1.71
N ASP A 51 -29.85 -1.55 1.86
CA ASP A 51 -30.41 -2.78 1.32
C ASP A 51 -30.24 -2.83 -0.18
N TYR A 52 -30.39 -1.68 -0.83
CA TYR A 52 -30.23 -1.61 -2.28
C TYR A 52 -28.80 -1.87 -2.71
N TYR A 53 -27.85 -1.30 -2.00
CA TYR A 53 -26.45 -1.67 -2.20
C TYR A 53 -26.24 -3.18 -2.10
N PHE A 54 -26.67 -3.80 -1.02
CA PHE A 54 -26.48 -5.23 -0.86
C PHE A 54 -27.14 -6.05 -1.98
N ALA A 55 -28.33 -5.63 -2.42
CA ALA A 55 -28.99 -6.35 -3.51
C ALA A 55 -28.13 -6.24 -4.75
N LEU A 56 -27.56 -5.08 -5.03
CA LEU A 56 -26.70 -4.95 -6.24
C LEU A 56 -25.41 -5.78 -6.11
N ALA A 57 -24.78 -5.74 -4.94
CA ALA A 57 -23.55 -6.53 -4.72
C ALA A 57 -23.78 -8.01 -4.92
N HIS A 58 -24.88 -8.57 -4.37
CA HIS A 58 -25.17 -9.98 -4.58
C HIS A 58 -25.42 -10.31 -6.04
N THR A 59 -26.05 -9.40 -6.76
CA THR A 59 -26.33 -9.57 -8.17
C THR A 59 -25.03 -9.62 -8.97
N VAL A 60 -24.11 -8.72 -8.66
CA VAL A 60 -22.81 -8.69 -9.32
C VAL A 60 -21.95 -9.89 -8.93
N ARG A 61 -21.99 -10.26 -7.65
CA ARG A 61 -21.25 -11.43 -7.20
C ARG A 61 -21.64 -12.71 -7.93
N ASP A 62 -22.92 -12.88 -8.23
CA ASP A 62 -23.38 -14.06 -8.96
C ASP A 62 -22.61 -14.25 -10.28
N HIS A 63 -22.27 -13.16 -10.96
CA HIS A 63 -21.47 -13.23 -12.22
C HIS A 63 -20.02 -13.66 -12.04
N LEU A 64 -19.49 -13.60 -10.82
CA LEU A 64 -18.12 -14.05 -10.52
C LEU A 64 -18.06 -15.56 -10.33
N VAL A 65 -19.16 -16.17 -9.88
CA VAL A 65 -19.13 -17.54 -9.39
C VAL A 65 -18.70 -18.56 -10.42
N GLY A 66 -19.33 -18.54 -11.59
CA GLY A 66 -18.99 -19.55 -12.61
C GLY A 66 -17.54 -19.44 -13.04
N ARG A 67 -17.09 -18.21 -13.20
CA ARG A 67 -15.72 -17.92 -13.61
C ARG A 67 -14.72 -18.33 -12.53
N TRP A 68 -15.09 -18.08 -11.27
CA TRP A 68 -14.29 -18.52 -10.13
C TRP A 68 -14.11 -20.02 -10.05
N ILE A 69 -15.22 -20.76 -10.12
CA ILE A 69 -15.15 -22.22 -10.09
C ILE A 69 -14.34 -22.76 -11.27
N ARG A 70 -14.56 -22.21 -12.47
CA ARG A 70 -13.91 -22.74 -13.68
C ARG A 70 -12.41 -22.41 -13.68
N THR A 71 -12.06 -21.20 -13.23
CA THR A 71 -10.63 -20.84 -13.11
C THR A 71 -9.93 -21.86 -12.21
N GLN A 72 -10.47 -22.09 -11.01
CA GLN A 72 -9.77 -22.96 -10.05
C GLN A 72 -9.72 -24.44 -10.54
N GLN A 73 -10.79 -24.90 -11.19
CA GLN A 73 -10.78 -26.23 -11.84
C GLN A 73 -9.70 -26.31 -12.94
N HIS A 74 -9.56 -25.23 -13.71
CA HIS A 74 -8.54 -25.14 -14.76
C HIS A 74 -7.13 -25.29 -14.19
N TYR A 75 -6.85 -24.68 -13.04
CA TYR A 75 -5.53 -24.80 -12.41
C TYR A 75 -5.30 -26.24 -11.93
N TYR A 76 -6.35 -26.87 -11.42
CA TYR A 76 -6.30 -28.26 -11.00
C TYR A 76 -5.94 -29.20 -12.17
N GLU A 77 -6.53 -28.98 -13.34
CA GLU A 77 -6.29 -29.86 -14.49
C GLU A 77 -4.91 -29.62 -15.05
N LYS A 78 -4.65 -28.36 -15.42
CA LYS A 78 -3.40 -27.97 -16.08
C LYS A 78 -2.15 -27.99 -15.20
N ASP A 79 -2.33 -27.92 -13.89
CA ASP A 79 -1.25 -27.96 -12.90
C ASP A 79 -0.05 -27.04 -13.17
N PRO A 80 -0.31 -25.73 -13.38
CA PRO A 80 0.75 -24.77 -13.58
C PRO A 80 1.51 -24.53 -12.31
N LYS A 81 2.68 -23.93 -12.43
CA LYS A 81 3.38 -23.42 -11.26
C LYS A 81 2.52 -22.38 -10.54
N ARG A 82 2.38 -22.54 -9.23
CA ARG A 82 1.52 -21.69 -8.38
C ARG A 82 2.35 -20.61 -7.70
N ILE A 83 1.85 -19.39 -7.69
CA ILE A 83 2.53 -18.27 -7.06
C ILE A 83 1.78 -17.89 -5.79
N TYR A 84 2.47 -17.89 -4.66
CA TYR A 84 1.85 -17.55 -3.36
C TYR A 84 2.44 -16.27 -2.83
N TYR A 85 1.60 -15.24 -2.76
CA TYR A 85 2.04 -13.92 -2.34
C TYR A 85 1.64 -13.73 -0.87
N LEU A 86 2.60 -13.83 0.05
CA LEU A 86 2.32 -13.78 1.50
C LEU A 86 2.49 -12.36 2.00
N SER A 87 1.48 -11.82 2.66
CA SER A 87 1.57 -10.46 3.16
C SER A 87 0.75 -10.37 4.42
N LEU A 88 1.16 -9.53 5.36
CA LEU A 88 0.33 -9.25 6.52
C LEU A 88 -0.74 -8.20 6.24
N GLU A 89 -0.72 -7.63 5.01
CA GLU A 89 -1.55 -6.47 4.66
C GLU A 89 -2.03 -6.58 3.23
N PHE A 90 -3.35 -6.39 3.06
CA PHE A 90 -3.95 -6.22 1.75
C PHE A 90 -4.94 -5.06 1.83
N TYR A 91 -4.59 -3.93 1.24
CA TYR A 91 -5.44 -2.74 1.37
C TYR A 91 -6.34 -2.66 0.14
N MET A 92 -7.50 -3.33 0.22
CA MET A 92 -8.32 -3.61 -0.98
C MET A 92 -9.28 -2.47 -1.35
N GLY A 93 -9.69 -1.66 -0.39
CA GLY A 93 -10.71 -0.64 -0.62
C GLY A 93 -12.04 -1.30 -0.94
N ARG A 94 -12.91 -0.59 -1.67
CA ARG A 94 -14.19 -1.15 -2.11
C ARG A 94 -14.07 -2.08 -3.29
N THR A 95 -15.01 -3.03 -3.40
CA THR A 95 -15.00 -4.11 -4.39
C THR A 95 -16.08 -4.01 -5.49
N LEU A 96 -17.19 -3.32 -5.22
CA LEU A 96 -18.31 -3.37 -6.16
C LEU A 96 -17.95 -2.80 -7.52
N GLN A 97 -17.45 -1.58 -7.57
CA GLN A 97 -17.17 -0.94 -8.87
C GLN A 97 -16.07 -1.66 -9.60
N ASN A 98 -15.02 -2.07 -8.86
CA ASN A 98 -13.93 -2.81 -9.47
C ASN A 98 -14.36 -4.08 -10.16
N THR A 99 -15.27 -4.81 -9.52
CA THR A 99 -15.82 -6.01 -10.08
C THR A 99 -16.60 -5.72 -11.36
N MET A 100 -17.39 -4.66 -11.37
CA MET A 100 -18.17 -4.30 -12.55
C MET A 100 -17.24 -3.95 -13.70
N VAL A 101 -16.20 -3.18 -13.39
CA VAL A 101 -15.20 -2.77 -14.40
C VAL A 101 -14.55 -3.99 -15.06
N ASN A 102 -14.13 -4.94 -14.24
CA ASN A 102 -13.38 -6.08 -14.72
C ASN A 102 -14.22 -7.14 -15.46
N LEU A 103 -15.52 -7.14 -15.19
CA LEU A 103 -16.44 -8.05 -15.89
C LEU A 103 -17.20 -7.34 -17.00
N ALA A 104 -16.93 -6.05 -17.21
CA ALA A 104 -17.59 -5.22 -18.23
C ALA A 104 -19.10 -4.99 -18.00
N LEU A 105 -19.48 -4.77 -16.74
CA LEU A 105 -20.86 -4.72 -16.33
C LEU A 105 -21.31 -3.34 -15.87
N GLU A 106 -20.43 -2.35 -15.86
CA GLU A 106 -20.75 -1.07 -15.27
C GLU A 106 -21.94 -0.36 -15.95
N ASN A 107 -21.96 -0.31 -17.27
CA ASN A 107 -23.05 0.46 -17.96
C ASN A 107 -24.41 -0.24 -17.83
N ALA A 108 -24.39 -1.56 -17.92
CA ALA A 108 -25.59 -2.40 -17.74
C ALA A 108 -26.15 -2.27 -16.32
N CYS A 109 -25.28 -2.26 -15.31
CA CYS A 109 -25.76 -2.10 -13.94
C CYS A 109 -26.29 -0.69 -13.71
N ASP A 110 -25.63 0.28 -14.34
CA ASP A 110 -26.05 1.67 -14.28
C ASP A 110 -27.46 1.80 -14.85
N GLU A 111 -27.67 1.19 -16.00
CA GLU A 111 -28.97 1.22 -16.69
C GLU A 111 -30.04 0.46 -15.90
N ALA A 112 -29.69 -0.72 -15.41
CA ALA A 112 -30.63 -1.53 -14.62
C ALA A 112 -31.11 -0.78 -13.37
N THR A 113 -30.19 -0.18 -12.64
CA THR A 113 -30.54 0.54 -11.42
C THR A 113 -31.29 1.85 -11.75
N TYR A 114 -30.90 2.48 -12.86
CA TYR A 114 -31.60 3.68 -13.34
C TYR A 114 -33.10 3.37 -13.54
N GLN A 115 -33.38 2.25 -14.21
CA GLN A 115 -34.76 1.82 -14.49
C GLN A 115 -35.56 1.44 -13.24
N LEU A 116 -34.86 1.08 -12.17
CA LEU A 116 -35.47 0.73 -10.89
C LEU A 116 -35.64 1.97 -10.02
N GLY A 117 -35.24 3.12 -10.53
CA GLY A 117 -35.38 4.37 -9.83
C GLY A 117 -34.25 4.63 -8.85
N LEU A 118 -33.07 4.06 -9.10
CA LEU A 118 -31.94 4.21 -8.16
C LEU A 118 -30.73 4.83 -8.84
N ASP A 119 -29.92 5.55 -8.08
CA ASP A 119 -28.65 6.09 -8.54
C ASP A 119 -27.51 5.18 -8.05
N MET A 120 -26.85 4.51 -8.99
CA MET A 120 -25.81 3.55 -8.67
C MET A 120 -24.61 4.15 -7.94
N GLU A 121 -24.30 5.42 -8.23
CA GLU A 121 -23.18 6.09 -7.56
C GLU A 121 -23.43 6.29 -6.09
N GLU A 122 -24.69 6.57 -5.74
CA GLU A 122 -25.14 6.69 -4.36
C GLU A 122 -25.00 5.34 -3.65
N LEU A 123 -25.33 4.26 -4.35
CA LEU A 123 -25.24 2.91 -3.80
C LEU A 123 -23.77 2.51 -3.58
N GLU A 124 -22.91 2.92 -4.50
CA GLU A 124 -21.47 2.65 -4.36
C GLU A 124 -20.86 3.22 -3.06
N GLU A 125 -21.33 4.39 -2.66
CA GLU A 125 -20.81 5.09 -1.48
C GLU A 125 -21.18 4.44 -0.16
N ILE A 126 -22.10 3.49 -0.19
CA ILE A 126 -22.45 2.78 1.02
C ILE A 126 -21.42 1.72 1.43
N GLU A 127 -20.67 1.18 0.50
CA GLU A 127 -19.76 0.05 0.77
C GLU A 127 -18.58 0.51 1.67
N GLU A 128 -18.22 -0.30 2.66
CA GLU A 128 -17.07 -0.01 3.51
C GLU A 128 -15.80 -0.32 2.72
N ASP A 129 -14.74 0.48 2.87
CA ASP A 129 -13.42 -0.02 2.45
C ASP A 129 -13.03 -1.26 3.22
N ALA A 130 -12.45 -2.23 2.52
CA ALA A 130 -11.73 -3.26 3.21
C ALA A 130 -10.32 -2.68 3.51
N GLY A 131 -10.15 -2.15 4.71
CA GLY A 131 -8.91 -1.45 5.10
C GLY A 131 -7.88 -2.31 5.83
N LEU A 132 -7.51 -3.43 5.23
CA LEU A 132 -6.61 -4.37 5.89
C LEU A 132 -5.14 -4.07 5.62
N GLY A 133 -4.81 -2.80 5.61
CA GLY A 133 -3.41 -2.35 5.49
C GLY A 133 -3.24 -0.92 5.95
N ASN A 134 -1.97 -0.50 6.02
CA ASN A 134 -1.60 0.79 6.57
C ASN A 134 -1.49 1.87 5.49
N GLY A 135 -1.14 1.49 4.27
CA GLY A 135 -0.76 2.47 3.25
C GLY A 135 -0.14 1.77 2.06
N GLY A 136 1.00 2.24 1.61
CA GLY A 136 1.63 1.78 0.37
C GLY A 136 1.92 0.31 0.22
N LEU A 137 2.38 -0.33 1.27
CA LEU A 137 2.79 -1.73 1.19
C LEU A 137 1.59 -2.63 1.03
N GLY A 138 0.54 -2.32 1.81
CA GLY A 138 -0.72 -3.04 1.69
C GLY A 138 -1.43 -2.80 0.37
N ARG A 139 -1.36 -1.58 -0.12
CA ARG A 139 -2.02 -1.23 -1.39
C ARG A 139 -1.25 -1.84 -2.55
N LEU A 140 0.07 -1.96 -2.44
CA LEU A 140 0.85 -2.64 -3.46
C LEU A 140 0.42 -4.10 -3.63
N ALA A 141 0.19 -4.79 -2.52
CA ALA A 141 -0.24 -6.16 -2.57
C ALA A 141 -1.59 -6.24 -3.31
N ALA A 142 -2.45 -5.27 -3.09
CA ALA A 142 -3.75 -5.26 -3.77
C ALA A 142 -3.67 -5.01 -5.29
N CYS A 143 -2.85 -4.04 -5.68
CA CYS A 143 -2.62 -3.83 -7.13
C CYS A 143 -1.97 -5.08 -7.75
N PHE A 144 -1.04 -5.70 -7.04
CA PHE A 144 -0.40 -6.88 -7.51
C PHE A 144 -1.41 -8.00 -7.75
N LEU A 145 -2.37 -8.19 -6.84
CA LEU A 145 -3.36 -9.26 -7.05
C LEU A 145 -4.17 -9.00 -8.35
N ASP A 146 -4.55 -7.77 -8.55
CA ASP A 146 -5.31 -7.36 -9.74
C ASP A 146 -4.48 -7.64 -11.00
N SER A 147 -3.19 -7.27 -10.98
CA SER A 147 -2.32 -7.57 -12.14
C SER A 147 -2.06 -9.06 -12.37
N MET A 148 -1.90 -9.85 -11.29
CA MET A 148 -1.64 -11.26 -11.48
C MET A 148 -2.80 -11.99 -12.20
N ALA A 149 -4.01 -11.60 -11.86
CA ALA A 149 -5.23 -12.14 -12.45
C ALA A 149 -5.37 -11.67 -13.89
N THR A 150 -5.05 -10.40 -14.12
CA THR A 150 -5.16 -9.82 -15.46
C THR A 150 -4.11 -10.48 -16.39
N LEU A 151 -2.98 -10.88 -15.83
CA LEU A 151 -1.96 -11.57 -16.61
C LEU A 151 -2.09 -13.05 -16.60
N GLY A 152 -3.19 -13.58 -16.07
CA GLY A 152 -3.44 -15.01 -16.15
C GLY A 152 -2.53 -15.90 -15.35
N LEU A 153 -1.94 -15.39 -14.27
CA LEU A 153 -1.06 -16.20 -13.45
C LEU A 153 -1.88 -16.96 -12.40
N ALA A 154 -1.45 -18.17 -12.08
CA ALA A 154 -2.11 -19.00 -11.08
C ALA A 154 -1.65 -18.55 -9.71
N ALA A 155 -2.24 -17.47 -9.23
CA ALA A 155 -1.71 -16.73 -8.07
C ALA A 155 -2.70 -16.70 -6.93
N TYR A 156 -2.17 -16.76 -5.72
CA TYR A 156 -2.98 -16.77 -4.49
C TYR A 156 -2.41 -15.76 -3.53
N GLY A 157 -3.25 -14.85 -3.02
CA GLY A 157 -2.84 -13.90 -1.97
C GLY A 157 -3.24 -14.56 -0.65
N TYR A 158 -2.33 -14.61 0.31
CA TYR A 158 -2.59 -15.19 1.63
C TYR A 158 -2.24 -14.19 2.71
N GLY A 159 -3.18 -13.98 3.63
CA GLY A 159 -3.09 -12.97 4.65
C GLY A 159 -3.94 -13.33 5.87
N ILE A 160 -4.22 -12.31 6.67
CA ILE A 160 -5.07 -12.42 7.86
C ILE A 160 -6.34 -11.64 7.66
N ARG A 161 -7.45 -12.24 8.02
CA ARG A 161 -8.72 -11.51 8.05
C ARG A 161 -8.88 -10.81 9.38
N TYR A 162 -8.41 -9.57 9.46
CA TYR A 162 -8.55 -8.79 10.68
C TYR A 162 -10.02 -8.42 10.87
N GLU A 163 -10.50 -8.57 12.09
CA GLU A 163 -11.82 -8.07 12.43
C GLU A 163 -11.89 -6.56 12.38
N PHE A 164 -10.80 -5.90 12.78
CA PHE A 164 -10.68 -4.48 12.73
C PHE A 164 -9.47 -4.08 11.88
N GLY A 165 -9.74 -3.30 10.83
CA GLY A 165 -8.67 -2.84 9.93
C GLY A 165 -8.06 -1.57 10.48
N ILE A 166 -7.46 -0.78 9.61
CA ILE A 166 -6.89 0.49 9.98
C ILE A 166 -7.97 1.37 10.59
N PHE A 167 -7.70 1.96 11.74
CA PHE A 167 -8.69 2.79 12.43
C PHE A 167 -9.28 3.94 11.55
N ASN A 168 -10.54 4.28 11.82
CA ASN A 168 -11.13 5.49 11.30
C ASN A 168 -10.62 6.70 12.09
N GLN A 169 -10.16 7.70 11.37
CA GLN A 169 -9.61 8.91 11.95
C GLN A 169 -10.69 9.98 12.07
N LYS A 170 -10.88 10.51 13.27
CA LYS A 170 -11.72 11.68 13.50
C LYS A 170 -10.80 12.79 13.92
N ILE A 171 -11.09 14.02 13.52
CA ILE A 171 -10.34 15.17 13.99
C ILE A 171 -11.23 15.89 15.00
N CYS A 172 -10.75 16.03 16.23
CA CYS A 172 -11.47 16.70 17.31
C CYS A 172 -10.59 17.79 17.90
N GLY A 173 -11.02 19.03 17.73
CA GLY A 173 -10.27 20.18 18.23
C GLY A 173 -8.90 20.25 17.59
N GLY A 174 -8.85 19.79 16.34
CA GLY A 174 -7.62 19.80 15.56
C GLY A 174 -6.71 18.61 15.77
N TRP A 175 -7.09 17.70 16.66
CA TRP A 175 -6.30 16.52 17.03
C TRP A 175 -6.88 15.23 16.46
N GLN A 176 -6.02 14.30 16.04
CA GLN A 176 -6.47 12.96 15.68
C GLN A 176 -7.04 12.19 16.89
N MET A 177 -8.23 11.64 16.68
CA MET A 177 -8.81 10.63 17.55
C MET A 177 -9.01 9.37 16.68
N GLU A 178 -8.90 8.20 17.30
CA GLU A 178 -9.06 6.92 16.61
C GLU A 178 -10.36 6.23 17.02
N GLU A 179 -11.02 5.62 16.05
CA GLU A 179 -12.19 4.80 16.29
C GLU A 179 -11.98 3.50 15.59
N ALA A 180 -12.45 2.43 16.22
CA ALA A 180 -12.36 1.10 15.64
C ALA A 180 -13.08 1.07 14.30
N ASP A 181 -12.44 0.43 13.32
CA ASP A 181 -13.00 0.21 11.98
C ASP A 181 -13.74 -1.15 11.95
N ASP A 182 -15.01 -1.12 12.30
CA ASP A 182 -15.82 -2.33 12.44
C ASP A 182 -16.41 -2.63 11.05
N TRP A 183 -15.52 -2.96 10.12
CA TRP A 183 -15.87 -3.06 8.71
C TRP A 183 -16.81 -4.23 8.41
N LEU A 184 -16.91 -5.20 9.31
CA LEU A 184 -17.73 -6.38 9.06
C LEU A 184 -19.13 -6.32 9.64
N ARG A 185 -19.50 -5.18 10.19
CA ARG A 185 -20.72 -5.05 11.00
C ARG A 185 -21.96 -5.48 10.23
N TYR A 186 -22.04 -5.05 8.96
CA TYR A 186 -23.21 -5.30 8.11
C TYR A 186 -23.02 -6.54 7.23
N GLY A 187 -21.90 -7.24 7.41
CA GLY A 187 -21.58 -8.38 6.59
C GLY A 187 -20.72 -7.97 5.39
N ASN A 188 -19.94 -8.93 4.91
CA ASN A 188 -19.08 -8.74 3.76
C ASN A 188 -19.55 -9.72 2.68
N PRO A 189 -20.25 -9.22 1.63
CA PRO A 189 -20.78 -10.10 0.60
C PRO A 189 -19.75 -10.72 -0.32
N TRP A 190 -18.51 -10.20 -0.29
CA TRP A 190 -17.49 -10.62 -1.22
C TRP A 190 -16.72 -11.85 -0.74
N GLU A 191 -16.74 -12.17 0.56
CA GLU A 191 -16.02 -13.32 1.07
C GLU A 191 -16.88 -14.59 1.18
N LYS A 192 -16.25 -15.74 1.11
CA LYS A 192 -16.89 -17.03 1.36
C LYS A 192 -16.09 -17.75 2.42
N ALA A 193 -16.73 -17.98 3.57
CA ALA A 193 -16.12 -18.77 4.63
C ALA A 193 -15.93 -20.18 4.15
N ARG A 194 -14.80 -20.77 4.52
CA ARG A 194 -14.55 -22.14 4.17
C ARG A 194 -14.17 -22.93 5.43
N PRO A 195 -15.10 -23.03 6.41
CA PRO A 195 -14.79 -23.69 7.70
C PRO A 195 -14.35 -25.15 7.54
N GLU A 196 -14.73 -25.79 6.43
CA GLU A 196 -14.29 -27.16 6.14
C GLU A 196 -12.79 -27.33 5.92
N PHE A 197 -12.07 -26.25 5.59
CA PHE A 197 -10.62 -26.31 5.32
C PHE A 197 -9.78 -25.70 6.47
N THR A 198 -10.36 -25.70 7.65
CA THR A 198 -9.71 -25.22 8.86
C THR A 198 -8.51 -26.12 9.19
N LEU A 199 -7.42 -25.47 9.65
CA LEU A 199 -6.15 -26.11 9.86
C LEU A 199 -5.63 -25.72 11.24
N PRO A 200 -4.88 -26.61 11.91
CA PRO A 200 -4.31 -26.29 13.22
C PRO A 200 -2.99 -25.54 13.12
N VAL A 201 -2.76 -24.58 14.02
CA VAL A 201 -1.51 -23.85 14.14
C VAL A 201 -1.04 -23.99 15.59
N HIS A 202 0.24 -24.30 15.75
CA HIS A 202 0.84 -24.56 17.08
C HIS A 202 1.68 -23.43 17.66
N PHE A 203 1.63 -23.25 18.99
CA PHE A 203 2.39 -22.23 19.67
C PHE A 203 2.94 -22.79 21.01
N TYR A 204 3.99 -22.14 21.51
CA TYR A 204 4.66 -22.52 22.79
C TYR A 204 5.23 -23.93 22.71
N GLY A 205 5.09 -24.71 23.79
CA GLY A 205 5.55 -26.08 23.77
C GLY A 205 7.03 -26.19 24.03
N ARG A 206 7.62 -27.32 23.61
CA ARG A 206 9.05 -27.55 23.79
C ARG A 206 9.53 -28.58 22.77
N VAL A 207 10.83 -28.67 22.59
CA VAL A 207 11.40 -29.63 21.65
C VAL A 207 11.99 -30.85 22.39
N GLU A 208 11.66 -32.02 21.87
CA GLU A 208 12.19 -33.29 22.37
C GLU A 208 13.06 -33.86 21.28
N HIS A 209 14.25 -34.31 21.63
CA HIS A 209 15.12 -34.95 20.65
C HIS A 209 15.06 -36.46 20.83
N THR A 210 14.69 -37.15 19.75
CA THR A 210 14.54 -38.60 19.76
C THR A 210 15.55 -39.27 18.83
N SER A 211 15.46 -40.60 18.78
CA SER A 211 16.24 -41.44 17.85
C SER A 211 16.02 -41.01 16.40
N GLN A 212 14.76 -40.78 16.03
CA GLN A 212 14.43 -40.30 14.69
C GLN A 212 13.99 -38.82 14.72
N GLY A 213 14.92 -37.95 15.14
CA GLY A 213 14.79 -36.51 14.97
C GLY A 213 14.06 -35.73 16.05
N ALA A 214 13.90 -34.43 15.80
CA ALA A 214 13.26 -33.53 16.75
C ALA A 214 11.74 -33.64 16.67
N LYS A 215 11.07 -33.35 17.78
CA LYS A 215 9.61 -33.36 17.85
C LYS A 215 9.20 -32.17 18.70
N TRP A 216 8.21 -31.41 18.21
CA TRP A 216 7.72 -30.22 18.89
C TRP A 216 6.43 -30.62 19.58
N VAL A 217 6.43 -30.63 20.90
CA VAL A 217 5.36 -31.21 21.71
C VAL A 217 4.88 -30.25 22.76
N ASP A 218 3.75 -30.60 23.37
CA ASP A 218 3.11 -29.83 24.47
C ASP A 218 2.68 -28.45 24.03
N THR A 219 2.27 -28.33 22.79
CA THR A 219 1.92 -27.02 22.23
C THR A 219 0.46 -26.66 22.53
N GLN A 220 0.16 -25.37 22.43
CA GLN A 220 -1.21 -24.90 22.41
C GLN A 220 -1.62 -24.81 20.96
N VAL A 221 -2.87 -25.17 20.67
CA VAL A 221 -3.40 -25.18 19.31
C VAL A 221 -4.40 -24.05 19.13
N VAL A 222 -4.23 -23.29 18.05
CA VAL A 222 -5.24 -22.37 17.57
C VAL A 222 -5.62 -22.81 16.15
N LEU A 223 -6.91 -22.73 15.83
CA LEU A 223 -7.36 -23.09 14.48
C LEU A 223 -7.33 -21.88 13.53
N ALA A 224 -7.00 -22.15 12.29
CA ALA A 224 -7.01 -21.14 11.23
C ALA A 224 -8.13 -21.51 10.26
N MET A 225 -9.15 -20.66 10.21
CA MET A 225 -10.27 -20.86 9.33
C MET A 225 -10.17 -19.91 8.16
N PRO A 226 -10.18 -20.44 6.92
CA PRO A 226 -10.04 -19.57 5.76
C PRO A 226 -11.35 -18.90 5.27
N TYR A 227 -11.23 -17.67 4.79
CA TYR A 227 -12.28 -16.97 4.06
C TYR A 227 -11.69 -16.62 2.72
N ASP A 228 -12.39 -16.97 1.64
CA ASP A 228 -11.89 -16.72 0.28
C ASP A 228 -12.60 -15.56 -0.38
N THR A 229 -11.83 -14.67 -1.01
CA THR A 229 -12.35 -13.55 -1.76
C THR A 229 -11.92 -13.67 -3.22
N PRO A 230 -12.85 -13.48 -4.17
CA PRO A 230 -12.46 -13.56 -5.57
C PRO A 230 -11.71 -12.31 -6.02
N VAL A 231 -10.78 -12.51 -6.95
CA VAL A 231 -9.98 -11.45 -7.53
C VAL A 231 -10.11 -11.55 -9.05
N PRO A 232 -11.02 -10.78 -9.65
CA PRO A 232 -11.24 -10.89 -11.09
C PRO A 232 -10.13 -10.23 -11.90
N GLY A 233 -9.67 -10.87 -12.96
CA GLY A 233 -8.82 -10.19 -13.93
C GLY A 233 -9.62 -9.29 -14.87
N TYR A 234 -8.92 -8.45 -15.64
CA TYR A 234 -9.61 -7.47 -16.49
C TYR A 234 -10.05 -8.16 -17.79
N ARG A 235 -11.34 -8.46 -17.85
CA ARG A 235 -12.02 -8.94 -19.04
C ARG A 235 -11.42 -10.19 -19.68
N ASN A 236 -10.83 -11.04 -18.85
CA ASN A 236 -10.23 -12.27 -19.33
C ASN A 236 -10.88 -13.53 -18.74
N ASN A 237 -11.96 -13.34 -17.99
CA ASN A 237 -12.67 -14.40 -17.27
C ASN A 237 -11.81 -15.22 -16.30
N VAL A 238 -10.69 -14.68 -15.87
CA VAL A 238 -9.87 -15.33 -14.82
C VAL A 238 -10.33 -14.78 -13.48
N VAL A 239 -10.50 -15.65 -12.50
CA VAL A 239 -10.85 -15.21 -11.12
C VAL A 239 -9.97 -16.05 -10.19
N ASN A 240 -9.02 -15.35 -9.56
CA ASN A 240 -8.11 -15.94 -8.64
C ASN A 240 -8.67 -15.72 -7.22
N THR A 241 -7.94 -16.21 -6.24
CA THR A 241 -8.38 -16.22 -4.85
C THR A 241 -7.43 -15.46 -3.96
N MET A 242 -7.99 -14.68 -3.04
CA MET A 242 -7.26 -14.15 -1.88
C MET A 242 -7.82 -14.93 -0.68
N ARG A 243 -6.97 -15.70 -0.03
CA ARG A 243 -7.36 -16.50 1.16
C ARG A 243 -6.86 -15.82 2.45
N LEU A 244 -7.79 -15.40 3.32
CA LEU A 244 -7.45 -14.72 4.58
C LEU A 244 -7.88 -15.60 5.78
N TRP A 245 -6.96 -15.79 6.72
CA TRP A 245 -7.15 -16.71 7.84
C TRP A 245 -7.72 -15.96 9.03
N SER A 246 -8.64 -16.61 9.74
CA SER A 246 -9.28 -16.09 10.94
C SER A 246 -8.99 -17.08 12.07
N ALA A 247 -8.70 -16.59 13.26
CA ALA A 247 -8.29 -17.45 14.37
C ALA A 247 -9.52 -17.93 15.14
N LYS A 248 -9.55 -19.22 15.47
CA LYS A 248 -10.63 -19.85 16.20
C LYS A 248 -10.05 -20.73 17.31
N ALA A 249 -10.67 -20.72 18.48
CA ALA A 249 -10.25 -21.63 19.54
C ALA A 249 -10.77 -23.04 19.26
N PRO A 250 -9.99 -24.09 19.55
CA PRO A 250 -10.61 -25.43 19.55
C PRO A 250 -11.75 -25.62 20.60
N ASN A 251 -12.64 -26.57 20.38
CA ASN A 251 -13.85 -26.69 21.25
C ASN A 251 -13.57 -27.22 22.65
N ASP A 252 -12.43 -27.88 22.83
CA ASP A 252 -12.02 -28.28 24.19
C ASP A 252 -11.07 -27.27 24.85
N PHE A 253 -10.91 -26.09 24.24
CA PHE A 253 -9.96 -25.07 24.71
C PHE A 253 -10.25 -24.71 26.15
N ASN A 254 -9.23 -24.77 27.00
CA ASN A 254 -9.39 -24.55 28.44
C ASN A 254 -10.39 -25.52 29.09
N LEU A 255 -10.73 -26.61 28.39
CA LEU A 255 -11.77 -27.54 28.83
C LEU A 255 -11.30 -28.99 28.70
N GLY A 262 -13.74 -21.92 36.40
CA GLY A 262 -14.84 -22.84 36.13
C GLY A 262 -15.25 -22.82 34.66
N TYR A 263 -16.37 -23.49 34.37
CA TYR A 263 -16.85 -23.70 33.01
C TYR A 263 -17.06 -22.37 32.27
N ILE A 264 -17.73 -21.40 32.90
CA ILE A 264 -18.04 -20.16 32.22
C ILE A 264 -16.75 -19.42 31.84
N GLN A 265 -15.82 -19.32 32.80
CA GLN A 265 -14.53 -18.64 32.53
C GLN A 265 -13.81 -19.27 31.36
N ALA A 266 -13.82 -20.60 31.28
CA ALA A 266 -13.10 -21.32 30.23
C ALA A 266 -13.63 -20.97 28.85
N VAL A 267 -14.95 -20.88 28.74
CA VAL A 267 -15.55 -20.47 27.48
C VAL A 267 -15.21 -19.01 27.15
N LEU A 268 -15.26 -18.14 28.14
CA LEU A 268 -14.96 -16.72 27.90
C LEU A 268 -13.50 -16.52 27.51
N ASP A 269 -12.62 -17.36 28.06
CA ASP A 269 -11.19 -17.23 27.80
C ASP A 269 -10.81 -17.68 26.39
N ARG A 270 -11.77 -18.16 25.62
CA ARG A 270 -11.48 -18.50 24.22
C ARG A 270 -10.99 -17.27 23.43
N ASN A 271 -11.30 -16.08 23.93
CA ASN A 271 -10.90 -14.82 23.31
C ASN A 271 -9.39 -14.66 23.22
N LEU A 272 -8.66 -15.29 24.14
CA LEU A 272 -7.20 -15.26 24.14
C LEU A 272 -6.63 -15.83 22.85
N ALA A 273 -7.20 -16.94 22.36
CA ALA A 273 -6.75 -17.52 21.10
C ALA A 273 -7.24 -16.68 19.92
N GLU A 274 -8.47 -16.19 20.01
CA GLU A 274 -9.11 -15.55 18.87
C GLU A 274 -8.65 -14.11 18.64
N ASN A 275 -7.99 -13.53 19.63
CA ASN A 275 -7.36 -12.22 19.48
C ASN A 275 -6.28 -12.11 18.43
N ILE A 276 -5.72 -13.22 18.01
CA ILE A 276 -4.67 -13.20 16.98
C ILE A 276 -5.13 -12.47 15.73
N SER A 277 -6.37 -12.70 15.30
CA SER A 277 -6.88 -12.04 14.09
C SER A 277 -7.80 -10.84 14.35
N ARG A 278 -7.72 -10.26 15.53
CA ARG A 278 -8.68 -9.22 15.89
C ARG A 278 -8.36 -7.89 15.27
N VAL A 279 -7.07 -7.50 15.25
CA VAL A 279 -6.75 -6.15 14.85
C VAL A 279 -5.41 -5.99 14.10
N LEU A 280 -5.47 -5.15 13.06
CA LEU A 280 -4.29 -4.72 12.33
C LEU A 280 -3.41 -3.80 13.16
N TYR A 281 -2.13 -4.13 13.32
CA TYR A 281 -1.19 -3.17 13.89
C TYR A 281 -1.14 -1.94 12.94
N PRO A 282 -1.31 -0.75 13.47
CA PRO A 282 -1.54 0.45 12.66
C PRO A 282 -0.29 1.34 12.44
N ASN A 283 0.89 0.74 12.47
CA ASN A 283 2.16 1.46 12.26
C ASN A 283 2.66 1.28 10.83
N ASP A 284 2.92 2.40 10.18
CA ASP A 284 3.49 2.39 8.86
C ASP A 284 5.00 2.62 9.00
N ASN A 285 5.81 1.73 8.42
CA ASN A 285 7.27 1.91 8.49
C ASN A 285 7.81 2.06 9.90
N PHE A 286 7.31 1.25 10.81
CA PHE A 286 7.81 1.26 12.17
C PHE A 286 7.63 -0.11 12.79
N PHE A 287 8.71 -0.68 13.32
CA PHE A 287 8.62 -1.97 13.96
C PHE A 287 8.32 -1.85 15.45
N GLU A 288 7.30 -2.59 15.88
CA GLU A 288 6.93 -2.71 17.28
C GLU A 288 6.99 -4.19 17.66
N GLY A 289 7.96 -4.54 18.49
CA GLY A 289 8.25 -5.95 18.83
C GLY A 289 7.35 -6.55 19.90
N LYS A 290 6.07 -6.71 19.60
CA LYS A 290 5.10 -7.23 20.56
C LYS A 290 4.76 -8.67 20.27
N GLU A 291 4.50 -9.43 21.32
CA GLU A 291 4.18 -10.84 21.17
C GLU A 291 2.97 -11.09 20.28
N LEU A 292 1.91 -10.30 20.44
CA LEU A 292 0.74 -10.53 19.63
C LEU A 292 1.06 -10.42 18.11
N ARG A 293 1.93 -9.48 17.76
CA ARG A 293 2.34 -9.33 16.34
C ARG A 293 3.11 -10.53 15.85
N LEU A 294 3.96 -11.11 16.70
CA LEU A 294 4.71 -12.29 16.32
C LEU A 294 3.78 -13.45 16.11
N LYS A 295 2.78 -13.59 16.98
CA LYS A 295 1.76 -14.61 16.81
C LYS A 295 1.04 -14.48 15.45
N GLN A 296 0.70 -13.25 15.07
CA GLN A 296 0.03 -12.98 13.80
C GLN A 296 0.90 -13.43 12.64
N GLU A 297 2.20 -13.12 12.73
CA GLU A 297 3.13 -13.50 11.66
C GLU A 297 3.28 -15.00 11.51
N TYR A 298 3.39 -15.74 12.63
CA TYR A 298 3.48 -17.18 12.55
C TYR A 298 2.16 -17.82 12.10
N PHE A 299 1.06 -17.27 12.59
CA PHE A 299 -0.27 -17.79 12.25
C PHE A 299 -0.49 -17.80 10.74
N VAL A 300 -0.23 -16.68 10.09
CA VAL A 300 -0.43 -16.64 8.64
C VAL A 300 0.51 -17.61 7.92
N VAL A 301 1.77 -17.66 8.36
CA VAL A 301 2.78 -18.54 7.74
C VAL A 301 2.49 -20.03 7.89
N ALA A 302 2.10 -20.44 9.10
CA ALA A 302 1.87 -21.85 9.39
C ALA A 302 0.67 -22.37 8.66
N ALA A 303 -0.41 -21.60 8.65
CA ALA A 303 -1.63 -22.02 7.97
C ALA A 303 -1.44 -22.06 6.46
N THR A 304 -0.78 -21.05 5.92
CA THR A 304 -0.52 -20.97 4.47
C THR A 304 0.34 -22.12 3.96
N LEU A 305 1.46 -22.40 4.64
CA LEU A 305 2.31 -23.48 4.20
C LEU A 305 1.65 -24.87 4.19
N GLN A 306 0.78 -25.16 5.16
CA GLN A 306 0.02 -26.40 5.13
C GLN A 306 -0.85 -26.50 3.91
N ASP A 307 -1.50 -25.39 3.57
CA ASP A 307 -2.31 -25.28 2.36
C ASP A 307 -1.51 -25.48 1.07
N ILE A 308 -0.33 -24.86 1.02
CA ILE A 308 0.60 -24.98 -0.09
C ILE A 308 1.02 -26.45 -0.29
N ILE A 309 1.42 -27.10 0.79
CA ILE A 309 1.90 -28.46 0.73
C ILE A 309 0.75 -29.42 0.33
N ARG A 310 -0.44 -29.21 0.89
CA ARG A 310 -1.62 -30.02 0.55
C ARG A 310 -1.88 -29.98 -0.95
N ARG A 311 -1.91 -28.78 -1.51
CA ARG A 311 -2.19 -28.57 -2.92
C ARG A 311 -1.08 -29.21 -3.78
N PHE A 312 0.17 -29.15 -3.30
CA PHE A 312 1.29 -29.76 -4.01
C PHE A 312 1.22 -31.29 -4.05
N LYS A 313 0.82 -31.92 -2.94
CA LYS A 313 0.71 -33.39 -2.92
C LYS A 313 -0.49 -33.89 -3.71
N SER A 314 -1.52 -33.06 -3.84
CA SER A 314 -2.73 -33.41 -4.58
C SER A 314 -2.63 -32.93 -6.02
N SER A 315 -1.41 -32.81 -6.54
CA SER A 315 -1.17 -32.22 -7.86
C SER A 315 -1.82 -33.05 -8.98
N THR A 325 5.90 -37.07 -2.17
CA THR A 325 7.14 -37.79 -1.97
C THR A 325 8.30 -37.02 -2.59
N ASN A 326 8.16 -36.64 -3.86
CA ASN A 326 9.23 -35.96 -4.58
C ASN A 326 9.20 -34.44 -4.38
N PHE A 327 9.79 -34.00 -3.27
CA PHE A 327 9.95 -32.57 -3.02
C PHE A 327 11.02 -31.91 -3.89
N ASP A 328 11.77 -32.68 -4.68
CA ASP A 328 12.71 -32.10 -5.64
C ASP A 328 11.98 -31.24 -6.67
N ALA A 329 10.72 -31.55 -6.94
CA ALA A 329 9.91 -30.80 -7.89
C ALA A 329 9.15 -29.63 -7.22
N PHE A 330 9.27 -29.50 -5.90
CA PHE A 330 8.55 -28.47 -5.16
C PHE A 330 8.77 -27.05 -5.75
N PRO A 331 10.04 -26.65 -5.95
CA PRO A 331 10.32 -25.35 -6.55
C PRO A 331 9.89 -25.18 -8.02
N ASP A 332 9.66 -26.27 -8.74
CA ASP A 332 9.08 -26.18 -10.09
C ASP A 332 7.57 -25.89 -10.08
N LYS A 333 6.91 -26.18 -8.96
CA LYS A 333 5.47 -26.06 -8.83
C LYS A 333 5.00 -24.97 -7.86
N VAL A 334 5.92 -24.41 -7.09
CA VAL A 334 5.59 -23.41 -6.06
C VAL A 334 6.58 -22.24 -6.06
N ALA A 335 6.08 -21.02 -6.07
CA ALA A 335 6.89 -19.84 -5.70
C ALA A 335 6.24 -19.16 -4.51
N ILE A 336 7.03 -18.84 -3.50
CA ILE A 336 6.55 -18.06 -2.35
C ILE A 336 7.26 -16.70 -2.35
N GLN A 337 6.49 -15.64 -2.45
CA GLN A 337 6.97 -14.28 -2.38
C GLN A 337 6.63 -13.67 -1.01
N LEU A 338 7.67 -13.17 -0.35
CA LEU A 338 7.56 -12.57 0.99
C LEU A 338 7.47 -11.07 0.82
N ASN A 339 6.31 -10.51 1.17
CA ASN A 339 6.11 -9.09 1.14
C ASN A 339 6.76 -8.47 2.38
N ASP A 340 8.03 -8.07 2.24
CA ASP A 340 8.90 -7.65 3.34
C ASP A 340 9.22 -8.85 4.26
N THR A 341 9.73 -8.60 5.47
CA THR A 341 10.12 -9.69 6.37
C THR A 341 8.96 -10.13 7.23
N HIS A 342 7.80 -9.52 7.09
CA HIS A 342 6.73 -9.83 8.03
C HIS A 342 6.32 -11.34 7.97
N PRO A 343 6.34 -12.00 6.77
CA PRO A 343 6.13 -13.44 6.74
C PRO A 343 7.43 -14.25 6.65
N SER A 344 8.54 -13.67 7.12
CA SER A 344 9.86 -14.31 7.09
C SER A 344 9.94 -15.68 7.77
N LEU A 345 9.05 -15.96 8.72
CA LEU A 345 9.03 -17.26 9.38
C LEU A 345 8.65 -18.38 8.42
N ALA A 346 8.21 -18.07 7.19
CA ALA A 346 8.00 -19.08 6.15
C ALA A 346 9.28 -19.91 5.91
N ILE A 347 10.43 -19.25 5.99
CA ILE A 347 11.71 -19.92 5.74
C ILE A 347 11.98 -21.04 6.79
N PRO A 348 12.05 -20.72 8.08
CA PRO A 348 12.25 -21.82 9.04
C PRO A 348 11.04 -22.75 9.19
N GLU A 349 9.81 -22.27 8.93
CA GLU A 349 8.65 -23.17 8.93
C GLU A 349 8.75 -24.21 7.80
N LEU A 350 9.12 -23.78 6.60
CA LEU A 350 9.31 -24.74 5.51
C LEU A 350 10.41 -25.77 5.87
N MET A 351 11.53 -25.32 6.42
CA MET A 351 12.59 -26.24 6.87
C MET A 351 12.06 -27.21 7.93
N ARG A 352 11.27 -26.70 8.89
CA ARG A 352 10.69 -27.54 9.93
C ARG A 352 9.82 -28.66 9.37
N VAL A 353 8.93 -28.33 8.44
CA VAL A 353 8.05 -29.30 7.84
C VAL A 353 8.86 -30.33 7.05
N LEU A 354 9.81 -29.85 6.25
CA LEU A 354 10.59 -30.74 5.39
C LEU A 354 11.50 -31.66 6.20
N VAL A 355 12.14 -31.13 7.23
CA VAL A 355 13.08 -31.89 8.07
C VAL A 355 12.36 -32.75 9.10
N ASP A 356 11.53 -32.12 9.92
CA ASP A 356 10.91 -32.81 11.06
C ASP A 356 9.77 -33.72 10.65
N LEU A 357 8.99 -33.32 9.65
CA LEU A 357 7.77 -34.04 9.30
C LEU A 357 7.93 -34.93 8.07
N GLU A 358 8.51 -34.41 6.99
CA GLU A 358 8.72 -35.20 5.77
C GLU A 358 10.06 -35.97 5.77
N ARG A 359 10.93 -35.71 6.74
CA ARG A 359 12.17 -36.46 6.95
C ARG A 359 13.18 -36.32 5.81
N LEU A 360 13.23 -35.15 5.20
CA LEU A 360 14.27 -34.80 4.25
C LEU A 360 15.54 -34.48 5.01
N ASP A 361 16.67 -34.80 4.42
CA ASP A 361 17.94 -34.38 5.00
C ASP A 361 18.05 -32.84 4.90
N TRP A 362 18.79 -32.26 5.81
CA TRP A 362 18.93 -30.81 5.90
C TRP A 362 19.31 -30.14 4.58
N ASP A 363 20.38 -30.63 3.96
CA ASP A 363 20.91 -30.00 2.74
C ASP A 363 19.88 -29.97 1.60
N LYS A 364 19.12 -31.04 1.47
CA LYS A 364 18.12 -31.13 0.42
C LYS A 364 16.94 -30.20 0.73
N ALA A 365 16.46 -30.21 1.98
CA ALA A 365 15.42 -29.27 2.42
C ALA A 365 15.81 -27.80 2.18
N TRP A 366 17.06 -27.45 2.48
CA TRP A 366 17.55 -26.07 2.29
C TRP A 366 17.58 -25.67 0.84
N GLU A 367 18.07 -26.58 -0.01
CA GLU A 367 18.01 -26.40 -1.48
C GLU A 367 16.60 -26.09 -1.97
N VAL A 368 15.62 -26.88 -1.56
CA VAL A 368 14.22 -26.64 -1.91
C VAL A 368 13.72 -25.28 -1.40
N THR A 369 14.00 -24.98 -0.15
CA THR A 369 13.54 -23.73 0.46
C THR A 369 14.06 -22.47 -0.26
N VAL A 370 15.37 -22.45 -0.50
CA VAL A 370 16.00 -21.36 -1.18
C VAL A 370 15.41 -21.14 -2.56
N LYS A 371 15.22 -22.23 -3.32
CA LYS A 371 14.67 -22.13 -4.67
C LYS A 371 13.18 -21.75 -4.72
N THR A 372 12.48 -21.98 -3.62
CA THR A 372 11.08 -21.64 -3.50
C THR A 372 10.82 -20.17 -3.08
N CYS A 373 11.64 -19.68 -2.14
CA CYS A 373 11.41 -18.36 -1.50
C CYS A 373 12.13 -17.20 -2.17
N ALA A 374 11.44 -16.07 -2.25
CA ALA A 374 12.03 -14.83 -2.69
C ALA A 374 11.53 -13.70 -1.79
N TYR A 375 12.40 -12.72 -1.57
CA TYR A 375 12.15 -11.65 -0.61
C TYR A 375 12.17 -10.29 -1.27
N THR A 376 11.12 -9.51 -0.99
CA THR A 376 11.05 -8.12 -1.38
C THR A 376 11.21 -7.20 -0.16
N ASN A 377 12.21 -6.34 -0.22
CA ASN A 377 12.47 -5.32 0.80
C ASN A 377 11.83 -4.00 0.40
N HIS A 378 11.15 -3.35 1.34
CA HIS A 378 10.42 -2.10 1.09
C HIS A 378 10.92 -0.92 1.91
N THR A 379 12.01 -1.05 2.66
CA THR A 379 12.46 0.09 3.48
C THR A 379 13.93 -0.03 3.88
N VAL A 380 14.57 1.11 4.06
CA VAL A 380 15.88 1.14 4.68
C VAL A 380 15.86 1.87 6.00
N LEU A 381 14.71 2.32 6.48
CA LEU A 381 14.70 3.03 7.76
C LEU A 381 14.99 2.03 8.89
N PRO A 382 16.01 2.30 9.71
CA PRO A 382 16.38 1.39 10.83
C PRO A 382 15.24 1.00 11.76
N GLU A 383 14.39 1.95 12.07
CA GLU A 383 13.30 1.72 13.01
C GLU A 383 12.20 0.83 12.40
N ALA A 384 12.22 0.61 11.08
CA ALA A 384 11.21 -0.20 10.40
C ALA A 384 11.64 -1.66 10.24
N LEU A 385 12.92 -1.93 10.51
CA LEU A 385 13.47 -3.26 10.30
C LEU A 385 13.14 -4.19 11.44
N GLU A 386 12.70 -5.40 11.12
CA GLU A 386 12.27 -6.35 12.14
C GLU A 386 13.47 -7.04 12.79
N ARG A 387 13.60 -6.85 14.10
CA ARG A 387 14.65 -7.49 14.88
C ARG A 387 14.00 -8.05 16.14
N TRP A 388 13.71 -9.33 16.14
CA TRP A 388 12.93 -9.95 17.20
C TRP A 388 13.81 -10.42 18.34
N PRO A 389 13.46 -10.06 19.60
CA PRO A 389 14.19 -10.60 20.76
C PRO A 389 14.18 -12.12 20.79
N VAL A 390 15.35 -12.69 21.05
CA VAL A 390 15.54 -14.14 21.10
C VAL A 390 14.63 -14.77 22.14
N HIS A 391 14.44 -14.09 23.26
CA HIS A 391 13.61 -14.64 24.36
C HIS A 391 12.13 -14.80 23.98
N LEU A 392 11.61 -13.94 23.10
CA LEU A 392 10.25 -14.12 22.60
C LEU A 392 10.15 -15.36 21.70
N LEU A 393 11.11 -15.54 20.82
CA LEU A 393 11.10 -16.71 19.91
C LEU A 393 11.32 -18.00 20.69
N GLU A 394 12.22 -17.93 21.67
CA GLU A 394 12.51 -19.07 22.52
C GLU A 394 11.28 -19.62 23.24
N THR A 395 10.42 -18.72 23.69
CA THR A 395 9.20 -19.12 24.38
C THR A 395 8.08 -19.53 23.40
N LEU A 396 7.89 -18.75 22.34
CA LEU A 396 6.74 -18.96 21.46
C LEU A 396 6.99 -20.05 20.43
N LEU A 397 8.21 -20.12 19.91
CA LEU A 397 8.52 -20.92 18.72
C LEU A 397 9.89 -21.57 18.91
N PRO A 398 10.00 -22.41 19.97
CA PRO A 398 11.30 -23.01 20.28
C PRO A 398 11.95 -23.79 19.16
N ARG A 399 11.17 -24.53 18.37
CA ARG A 399 11.81 -25.31 17.30
C ARG A 399 12.34 -24.38 16.18
N HIS A 400 11.59 -23.31 15.88
CA HIS A 400 12.02 -22.33 14.91
C HIS A 400 13.34 -21.63 15.29
N LEU A 401 13.50 -21.26 16.55
CA LEU A 401 14.76 -20.65 17.01
C LEU A 401 15.93 -21.61 16.76
N GLN A 402 15.74 -22.90 17.05
CA GLN A 402 16.78 -23.90 16.82
C GLN A 402 17.17 -23.95 15.35
N ILE A 403 16.17 -23.95 14.48
CA ILE A 403 16.40 -24.00 13.05
C ILE A 403 17.13 -22.74 12.58
N ILE A 404 16.72 -21.59 13.10
CA ILE A 404 17.37 -20.33 12.74
C ILE A 404 18.85 -20.32 13.19
N TYR A 405 19.11 -20.79 14.39
CA TYR A 405 20.53 -20.99 14.83
C TYR A 405 21.34 -21.83 13.86
N GLU A 406 20.77 -22.94 13.41
CA GLU A 406 21.42 -23.85 12.47
C GLU A 406 21.63 -23.24 11.08
N ILE A 407 20.63 -22.48 10.62
CA ILE A 407 20.78 -21.72 9.39
C ILE A 407 21.96 -20.75 9.51
N ASN A 408 22.04 -20.07 10.64
CA ASN A 408 23.03 -19.07 10.86
C ASN A 408 24.45 -19.66 10.87
N GLN A 409 24.61 -20.79 11.53
CA GLN A 409 25.92 -21.44 11.63
C GLN A 409 26.39 -21.89 10.26
N ARG A 410 25.49 -22.49 9.48
CA ARG A 410 25.85 -22.92 8.14
C ARG A 410 26.18 -21.76 7.18
N PHE A 411 25.39 -20.70 7.28
CA PHE A 411 25.62 -19.48 6.49
C PHE A 411 26.97 -18.83 6.82
N LEU A 412 27.23 -18.67 8.11
CA LEU A 412 28.49 -18.03 8.55
C LEU A 412 29.73 -18.90 8.19
N ASN A 413 29.57 -20.22 8.12
CA ASN A 413 30.63 -21.07 7.60
C ASN A 413 30.89 -20.80 6.11
N ARG A 414 29.87 -20.42 5.36
CA ARG A 414 30.07 -19.99 3.97
C ARG A 414 30.76 -18.66 3.85
N VAL A 415 30.44 -17.74 4.75
CA VAL A 415 31.03 -16.40 4.72
C VAL A 415 32.52 -16.55 5.03
N ALA A 416 32.83 -17.35 6.04
CA ALA A 416 34.20 -17.58 6.50
C ALA A 416 35.08 -18.18 5.42
N ALA A 417 34.52 -19.14 4.67
CA ALA A 417 35.23 -19.73 3.52
C ALA A 417 35.48 -18.73 2.38
N ALA A 418 34.57 -17.78 2.20
CA ALA A 418 34.67 -16.82 1.12
C ALA A 418 35.56 -15.65 1.47
N PHE A 419 35.61 -15.30 2.76
CA PHE A 419 36.31 -14.10 3.22
C PHE A 419 37.14 -14.47 4.43
N PRO A 420 38.16 -15.32 4.26
CA PRO A 420 38.85 -15.85 5.44
C PRO A 420 39.49 -14.76 6.28
N GLY A 421 39.35 -14.88 7.60
CA GLY A 421 39.93 -13.94 8.54
C GLY A 421 39.15 -12.65 8.75
N ASP A 422 38.08 -12.44 7.99
CA ASP A 422 37.32 -11.20 8.07
C ASP A 422 36.30 -11.35 9.18
N VAL A 423 36.75 -11.16 10.42
CA VAL A 423 35.91 -11.43 11.58
C VAL A 423 34.83 -10.38 11.75
N ASP A 424 35.09 -9.13 11.40
CA ASP A 424 34.03 -8.16 11.52
C ASP A 424 32.89 -8.46 10.56
N ARG A 425 33.20 -8.95 9.36
CA ARG A 425 32.15 -9.36 8.40
C ARG A 425 31.23 -10.43 9.01
N LEU A 426 31.81 -11.38 9.74
CA LEU A 426 31.03 -12.42 10.41
C LEU A 426 30.06 -11.84 11.41
N ARG A 427 30.50 -10.84 12.17
CA ARG A 427 29.60 -10.19 13.12
C ARG A 427 28.49 -9.42 12.39
N ARG A 428 28.84 -8.70 11.33
CA ARG A 428 27.86 -7.87 10.61
C ARG A 428 26.80 -8.68 9.87
N MET A 429 27.19 -9.85 9.38
CA MET A 429 26.33 -10.68 8.56
C MET A 429 25.48 -11.67 9.34
N SER A 430 25.79 -11.84 10.63
CA SER A 430 25.12 -12.86 11.43
C SER A 430 23.61 -12.60 11.46
N LEU A 431 22.81 -13.66 11.49
CA LEU A 431 21.36 -13.48 11.70
C LEU A 431 21.09 -13.12 13.14
N VAL A 432 22.04 -13.43 14.05
CA VAL A 432 21.89 -13.14 15.47
C VAL A 432 22.68 -11.89 15.82
N GLU A 433 22.00 -10.88 16.35
CA GLU A 433 22.67 -9.66 16.77
C GLU A 433 22.92 -9.71 18.27
N GLU A 434 24.18 -9.57 18.66
CA GLU A 434 24.56 -9.48 20.07
C GLU A 434 24.20 -8.14 20.67
N GLY A 435 24.25 -8.06 21.99
CA GLY A 435 23.91 -6.83 22.70
C GLY A 435 23.28 -7.13 24.04
N ALA A 436 22.72 -6.09 24.65
CA ALA A 436 21.97 -6.21 25.90
C ALA A 436 20.96 -7.35 25.78
N VAL A 437 20.09 -7.28 24.78
CA VAL A 437 19.20 -8.38 24.43
C VAL A 437 19.62 -8.86 23.04
N LYS A 438 19.78 -10.17 22.90
CA LYS A 438 20.08 -10.76 21.60
C LYS A 438 18.79 -10.70 20.76
N ARG A 439 18.94 -10.43 19.46
CA ARG A 439 17.80 -10.36 18.54
C ARG A 439 18.12 -11.10 17.25
N ILE A 440 17.09 -11.49 16.52
CA ILE A 440 17.27 -12.12 15.22
C ILE A 440 16.99 -11.05 14.19
N ASN A 441 17.91 -10.81 13.28
CA ASN A 441 17.69 -9.89 12.16
C ASN A 441 16.92 -10.61 11.04
N MET A 442 15.64 -10.29 10.89
CA MET A 442 14.80 -11.04 9.95
C MET A 442 15.17 -10.81 8.49
N ALA A 443 15.71 -9.63 8.18
CA ALA A 443 16.16 -9.34 6.78
C ALA A 443 17.35 -10.22 6.42
N HIS A 444 18.26 -10.42 7.38
CA HIS A 444 19.38 -11.30 7.14
C HIS A 444 18.87 -12.71 6.90
N LEU A 445 17.90 -13.16 7.68
CA LEU A 445 17.29 -14.49 7.47
C LEU A 445 16.71 -14.65 6.08
N CYS A 446 15.97 -13.63 5.64
CA CYS A 446 15.35 -13.64 4.31
C CYS A 446 16.36 -13.68 3.18
N ILE A 447 17.46 -12.95 3.31
CA ILE A 447 18.46 -12.99 2.25
C ILE A 447 19.11 -14.37 2.17
N ALA A 448 19.48 -14.94 3.33
CA ALA A 448 20.10 -16.26 3.37
C ALA A 448 19.19 -17.32 2.74
N GLY A 449 17.89 -17.23 3.01
CA GLY A 449 16.98 -18.27 2.58
C GLY A 449 16.14 -18.04 1.33
N SER A 450 16.51 -17.06 0.50
CA SER A 450 15.80 -16.70 -0.72
C SER A 450 16.77 -16.74 -1.92
N HIS A 451 16.27 -17.17 -3.08
CA HIS A 451 17.07 -17.15 -4.29
C HIS A 451 17.09 -15.81 -4.98
N ALA A 452 16.23 -14.89 -4.52
CA ALA A 452 16.16 -13.55 -5.07
C ALA A 452 15.71 -12.57 -4.01
N VAL A 453 16.33 -11.41 -4.05
CA VAL A 453 16.05 -10.28 -3.19
C VAL A 453 15.90 -9.08 -4.12
N ASN A 454 14.79 -8.36 -3.99
CA ASN A 454 14.62 -7.15 -4.72
C ASN A 454 14.21 -5.95 -3.88
N GLY A 455 14.65 -4.78 -4.34
CA GLY A 455 14.10 -3.51 -3.91
C GLY A 455 13.00 -3.09 -4.88
N VAL A 456 12.42 -1.93 -4.65
CA VAL A 456 11.12 -1.56 -5.24
C VAL A 456 11.18 -0.32 -6.12
N ALA A 457 12.40 0.20 -6.31
CA ALA A 457 12.69 1.23 -7.29
C ALA A 457 14.20 1.24 -7.50
N ARG A 458 14.64 1.74 -8.64
CA ARG A 458 16.05 1.57 -9.01
C ARG A 458 17.00 2.19 -7.98
N ILE A 459 16.70 3.40 -7.54
CA ILE A 459 17.54 4.04 -6.56
C ILE A 459 17.60 3.25 -5.24
N HIS A 460 16.46 2.67 -4.85
CA HIS A 460 16.36 1.90 -3.61
C HIS A 460 17.15 0.60 -3.71
N SER A 461 17.01 -0.12 -4.83
CA SER A 461 17.73 -1.34 -5.07
C SER A 461 19.26 -1.06 -5.08
N GLU A 462 19.66 0.08 -5.62
CA GLU A 462 21.08 0.50 -5.58
C GLU A 462 21.58 0.76 -4.16
N ILE A 463 20.78 1.47 -3.37
CA ILE A 463 21.08 1.74 -1.96
C ILE A 463 21.25 0.43 -1.17
N LEU A 464 20.39 -0.58 -1.43
CA LEU A 464 20.53 -1.86 -0.73
C LEU A 464 21.90 -2.50 -0.98
N LYS A 465 22.36 -2.44 -2.21
CA LYS A 465 23.64 -3.04 -2.58
C LYS A 465 24.84 -2.24 -2.06
N LYS A 466 24.67 -0.93 -1.90
CA LYS A 466 25.76 -0.06 -1.46
C LYS A 466 25.85 0.09 0.04
N THR A 467 24.74 -0.08 0.75
CA THR A 467 24.67 0.22 2.18
C THR A 467 24.23 -0.97 3.01
N ILE A 468 22.93 -1.11 3.32
CA ILE A 468 22.55 -2.06 4.35
C ILE A 468 22.82 -3.51 3.98
N PHE A 469 22.77 -3.87 2.70
CA PHE A 469 22.99 -5.26 2.30
C PHE A 469 24.27 -5.48 1.50
N LYS A 470 25.19 -4.52 1.58
CA LYS A 470 26.48 -4.56 0.90
C LYS A 470 27.23 -5.89 1.07
N ASP A 471 27.37 -6.35 2.30
CA ASP A 471 28.11 -7.60 2.57
C ASP A 471 27.47 -8.81 1.88
N PHE A 472 26.14 -8.84 1.85
CA PHE A 472 25.40 -9.93 1.21
C PHE A 472 25.50 -9.91 -0.29
N TYR A 473 25.45 -8.70 -0.84
CA TYR A 473 25.67 -8.50 -2.26
C TYR A 473 27.07 -8.97 -2.69
N GLU A 474 28.08 -8.74 -1.85
CA GLU A 474 29.46 -9.17 -2.16
C GLU A 474 29.57 -10.68 -2.15
N LEU A 475 28.86 -11.34 -1.23
CA LEU A 475 28.86 -12.80 -1.17
C LEU A 475 28.05 -13.47 -2.29
N GLU A 476 26.89 -12.92 -2.61
CA GLU A 476 25.99 -13.54 -3.59
C GLU A 476 25.36 -12.49 -4.52
N PRO A 477 26.15 -11.95 -5.46
CA PRO A 477 25.66 -10.83 -6.27
C PRO A 477 24.43 -11.14 -7.14
N HIS A 478 24.38 -12.38 -7.62
CA HIS A 478 23.30 -12.87 -8.48
C HIS A 478 21.92 -12.82 -7.81
N LYS A 479 21.87 -12.75 -6.49
CA LYS A 479 20.56 -12.70 -5.80
C LYS A 479 19.84 -11.37 -5.93
N PHE A 480 20.58 -10.29 -6.13
CA PHE A 480 20.00 -8.95 -6.00
C PHE A 480 19.42 -8.37 -7.29
N GLN A 481 18.15 -7.98 -7.22
CA GLN A 481 17.43 -7.45 -8.35
C GLN A 481 16.70 -6.18 -8.00
N ASN A 482 16.19 -5.50 -9.04
CA ASN A 482 15.23 -4.42 -8.92
C ASN A 482 13.89 -4.81 -9.57
N LYS A 483 12.81 -4.40 -8.92
CA LYS A 483 11.47 -4.46 -9.49
C LYS A 483 10.76 -3.18 -9.12
N THR A 484 10.79 -2.21 -10.03
CA THR A 484 10.19 -0.92 -9.71
C THR A 484 8.69 -1.15 -9.60
N ASN A 485 8.11 -0.54 -8.59
CA ASN A 485 6.70 -0.67 -8.26
C ASN A 485 5.81 -0.11 -9.37
N GLY A 486 4.53 -0.45 -9.28
CA GLY A 486 3.53 0.11 -10.15
C GLY A 486 2.18 0.11 -9.45
N ILE A 487 1.17 0.56 -10.19
CA ILE A 487 -0.21 0.64 -9.73
C ILE A 487 -1.12 0.11 -10.82
N THR A 488 -2.28 -0.40 -10.43
CA THR A 488 -3.17 -0.96 -11.43
C THR A 488 -3.94 0.16 -12.14
N PRO A 489 -3.90 0.19 -13.46
CA PRO A 489 -4.65 1.23 -14.14
C PRO A 489 -6.16 1.00 -14.20
N ARG A 490 -6.64 -0.18 -13.78
CA ARG A 490 -8.09 -0.37 -13.64
C ARG A 490 -8.62 0.51 -12.51
N ARG A 491 -8.23 0.22 -11.28
CA ARG A 491 -8.66 1.08 -10.17
C ARG A 491 -8.20 2.52 -10.31
N TRP A 492 -6.96 2.76 -10.75
CA TRP A 492 -6.40 4.08 -10.60
C TRP A 492 -6.51 4.95 -11.86
N LEU A 493 -7.26 4.50 -12.85
CA LEU A 493 -7.65 5.38 -13.96
C LEU A 493 -9.11 5.17 -14.37
N VAL A 494 -9.42 3.96 -14.81
CA VAL A 494 -10.76 3.66 -15.35
C VAL A 494 -11.85 3.81 -14.30
N LEU A 495 -11.63 3.22 -13.13
CA LEU A 495 -12.59 3.36 -12.05
C LEU A 495 -12.69 4.76 -11.47
N CYS A 496 -11.58 5.39 -11.09
CA CYS A 496 -11.66 6.65 -10.39
C CYS A 496 -11.79 7.86 -11.33
N ASN A 497 -11.41 7.70 -12.59
CA ASN A 497 -11.37 8.85 -13.52
C ASN A 497 -11.94 8.46 -14.89
N PRO A 498 -13.23 8.06 -14.92
CA PRO A 498 -13.78 7.58 -16.18
C PRO A 498 -13.74 8.64 -17.30
N GLY A 499 -13.94 9.90 -16.93
CA GLY A 499 -13.85 11.01 -17.89
C GLY A 499 -12.52 11.10 -18.59
N LEU A 500 -11.41 10.95 -17.87
CA LEU A 500 -10.10 10.90 -18.49
C LEU A 500 -9.94 9.67 -19.33
N ALA A 501 -10.38 8.52 -18.82
CA ALA A 501 -10.25 7.26 -19.54
C ALA A 501 -10.98 7.34 -20.90
N GLU A 502 -12.09 8.05 -20.93
CA GLU A 502 -12.93 8.11 -22.13
C GLU A 502 -12.28 8.97 -23.20
N ILE A 503 -11.83 10.17 -22.82
CA ILE A 503 -11.21 11.08 -23.80
C ILE A 503 -9.94 10.49 -24.38
N ILE A 504 -9.25 9.65 -23.59
CA ILE A 504 -8.13 8.88 -24.12
C ILE A 504 -8.57 7.79 -25.08
N ALA A 505 -9.55 6.98 -24.67
CA ALA A 505 -10.03 5.91 -25.54
C ALA A 505 -10.60 6.45 -26.86
N GLU A 506 -11.15 7.63 -26.84
CA GLU A 506 -11.66 8.22 -28.10
C GLU A 506 -10.53 8.29 -29.13
N ARG A 507 -9.34 8.70 -28.70
CA ARG A 507 -8.21 8.87 -29.61
C ARG A 507 -7.44 7.57 -29.91
N ILE A 508 -7.15 6.75 -28.89
CA ILE A 508 -6.27 5.60 -29.12
C ILE A 508 -6.89 4.22 -28.87
N GLY A 509 -8.20 4.17 -28.66
CA GLY A 509 -8.92 2.91 -28.47
C GLY A 509 -8.80 2.47 -27.00
N GLU A 510 -9.24 1.26 -26.71
CA GLU A 510 -9.32 0.74 -25.33
C GLU A 510 -8.21 -0.19 -24.90
N GLU A 511 -7.30 -0.58 -25.81
CA GLU A 511 -6.28 -1.58 -25.51
C GLU A 511 -5.30 -1.17 -24.39
N TYR A 512 -5.21 0.13 -24.13
CA TYR A 512 -4.19 0.65 -23.21
C TYR A 512 -4.48 0.26 -21.77
N ILE A 513 -5.73 -0.14 -21.49
CA ILE A 513 -6.17 -0.41 -20.12
C ILE A 513 -5.45 -1.64 -19.59
N SER A 514 -5.06 -2.54 -20.49
CA SER A 514 -4.25 -3.70 -20.14
C SER A 514 -2.85 -3.67 -20.81
N ASP A 515 -2.49 -2.54 -21.41
CA ASP A 515 -1.16 -2.38 -21.99
C ASP A 515 -0.84 -0.90 -21.92
N LEU A 516 -0.47 -0.44 -20.72
CA LEU A 516 -0.46 1.00 -20.45
C LEU A 516 0.61 1.78 -21.24
N ASP A 517 1.64 1.09 -21.71
CA ASP A 517 2.66 1.70 -22.58
C ASP A 517 2.03 2.35 -23.83
N GLN A 518 0.85 1.91 -24.23
CA GLN A 518 0.17 2.56 -25.36
C GLN A 518 -0.18 4.02 -25.12
N LEU A 519 -0.18 4.48 -23.87
CA LEU A 519 -0.35 5.91 -23.61
C LEU A 519 0.72 6.77 -24.32
N ARG A 520 1.87 6.20 -24.68
CA ARG A 520 2.86 6.94 -25.45
C ARG A 520 2.29 7.54 -26.73
N LYS A 521 1.27 6.92 -27.32
CA LYS A 521 0.65 7.46 -28.54
C LYS A 521 0.01 8.81 -28.34
N LEU A 522 -0.26 9.18 -27.09
CA LEU A 522 -0.79 10.51 -26.79
C LEU A 522 0.20 11.67 -27.02
N LEU A 523 1.48 11.37 -27.18
CA LEU A 523 2.44 12.43 -27.46
C LEU A 523 2.12 13.10 -28.80
N SER A 524 1.50 12.36 -29.72
CA SER A 524 1.11 12.94 -31.01
C SER A 524 -0.09 13.90 -30.89
N TYR A 525 -0.62 14.09 -29.67
CA TYR A 525 -1.73 15.02 -29.44
C TYR A 525 -1.39 16.23 -28.57
N VAL A 526 -0.12 16.39 -28.21
CA VAL A 526 0.31 17.48 -27.32
C VAL A 526 0.09 18.87 -27.91
N ASP A 527 0.04 18.95 -29.24
CA ASP A 527 -0.28 20.20 -29.94
C ASP A 527 -1.69 20.25 -30.49
N ASP A 528 -2.49 19.23 -30.19
CA ASP A 528 -3.88 19.15 -30.67
C ASP A 528 -4.80 19.99 -29.79
N GLU A 529 -5.38 21.02 -30.38
CA GLU A 529 -6.14 21.99 -29.60
C GLU A 529 -7.38 21.35 -28.94
N ALA A 530 -7.99 20.38 -29.63
CA ALA A 530 -9.18 19.71 -29.12
C ALA A 530 -8.84 18.87 -27.86
N PHE A 531 -7.78 18.09 -27.97
CA PHE A 531 -7.29 17.28 -26.85
C PHE A 531 -6.90 18.10 -25.64
N ILE A 532 -6.11 19.15 -25.86
CA ILE A 532 -5.75 20.09 -24.80
C ILE A 532 -7.00 20.56 -24.05
N ARG A 533 -8.01 20.95 -24.81
CA ARG A 533 -9.24 21.46 -24.22
C ARG A 533 -9.94 20.37 -23.39
N ASP A 534 -10.04 19.17 -23.93
CA ASP A 534 -10.71 18.06 -23.25
C ASP A 534 -9.97 17.64 -21.95
N VAL A 535 -8.64 17.57 -22.01
CA VAL A 535 -7.86 17.17 -20.83
C VAL A 535 -8.15 18.20 -19.72
N ALA A 536 -8.10 19.48 -20.07
CA ALA A 536 -8.38 20.55 -19.11
C ALA A 536 -9.82 20.55 -18.58
N LYS A 537 -10.76 20.19 -19.44
CA LYS A 537 -12.16 20.13 -19.05
C LYS A 537 -12.39 19.02 -18.01
N VAL A 538 -11.78 17.87 -18.24
CA VAL A 538 -11.97 16.73 -17.34
C VAL A 538 -11.42 17.05 -15.95
N LYS A 539 -10.26 17.70 -15.87
CA LYS A 539 -9.71 18.12 -14.58
C LYS A 539 -10.65 19.08 -13.88
N GLN A 540 -11.11 20.09 -14.64
CA GLN A 540 -12.08 21.01 -14.09
C GLN A 540 -13.33 20.33 -13.57
N GLU A 541 -13.82 19.32 -14.28
CA GLU A 541 -15.03 18.58 -13.85
C GLU A 541 -14.72 17.79 -12.58
N ASN A 542 -13.54 17.19 -12.54
CA ASN A 542 -13.14 16.45 -11.32
C ASN A 542 -13.00 17.37 -10.15
N LYS A 543 -12.45 18.57 -10.37
CA LYS A 543 -12.29 19.55 -9.29
C LYS A 543 -13.62 20.06 -8.74
N LEU A 544 -14.58 20.35 -9.64
CA LEU A 544 -15.92 20.75 -9.21
C LEU A 544 -16.59 19.67 -8.36
N LYS A 545 -16.55 18.43 -8.84
CA LYS A 545 -17.13 17.31 -8.11
C LYS A 545 -16.51 17.21 -6.72
N PHE A 546 -15.19 17.33 -6.61
CA PHE A 546 -14.55 17.20 -5.31
C PHE A 546 -14.89 18.36 -4.37
N ALA A 547 -14.95 19.56 -4.93
CA ALA A 547 -15.35 20.75 -4.18
C ALA A 547 -16.75 20.60 -3.60
N ALA A 548 -17.64 19.98 -4.39
CA ALA A 548 -19.00 19.69 -3.94
C ALA A 548 -19.01 18.64 -2.83
N TYR A 549 -18.23 17.57 -3.01
CA TYR A 549 -18.12 16.51 -2.01
C TYR A 549 -17.68 17.08 -0.68
N LEU A 550 -16.66 17.93 -0.71
CA LEU A 550 -16.23 18.60 0.51
C LEU A 550 -17.41 19.28 1.21
N GLU A 551 -18.05 20.22 0.53
CA GLU A 551 -19.18 20.97 1.11
C GLU A 551 -20.25 20.07 1.72
N ARG A 552 -20.77 19.13 0.94
CA ARG A 552 -21.87 18.27 1.40
C ARG A 552 -21.47 17.37 2.57
N GLU A 553 -20.32 16.70 2.48
CA GLU A 553 -19.88 15.75 3.52
C GLU A 553 -19.11 16.39 4.68
N TYR A 554 -18.50 17.56 4.46
CA TYR A 554 -17.72 18.22 5.52
C TYR A 554 -17.95 19.74 5.65
N LYS A 555 -18.98 20.27 5.01
CA LYS A 555 -19.39 21.69 5.15
C LYS A 555 -18.27 22.71 4.94
N VAL A 556 -17.32 22.39 4.06
CA VAL A 556 -16.20 23.28 3.77
C VAL A 556 -16.29 23.79 2.33
N HIS A 557 -15.93 25.06 2.16
CA HIS A 557 -16.17 25.77 0.90
C HIS A 557 -14.87 26.22 0.23
N ILE A 558 -14.41 25.44 -0.75
CA ILE A 558 -13.15 25.75 -1.47
C ILE A 558 -13.36 26.34 -2.87
N ASN A 559 -12.41 27.18 -3.28
CA ASN A 559 -12.40 27.84 -4.59
C ASN A 559 -11.95 26.93 -5.74
N PRO A 560 -12.90 26.45 -6.57
CA PRO A 560 -12.57 25.46 -7.60
C PRO A 560 -11.68 25.96 -8.75
N ASN A 561 -11.44 27.26 -8.85
CA ASN A 561 -10.49 27.82 -9.81
C ASN A 561 -9.06 27.89 -9.28
N SER A 562 -8.86 27.60 -8.00
CA SER A 562 -7.54 27.66 -7.41
C SER A 562 -6.73 26.45 -7.80
N LEU A 563 -5.42 26.54 -7.60
CA LEU A 563 -4.53 25.41 -7.84
C LEU A 563 -4.72 24.44 -6.65
N PHE A 564 -5.04 23.19 -6.95
CA PHE A 564 -5.23 22.16 -5.91
C PHE A 564 -3.88 21.45 -5.65
N ASP A 565 -3.30 21.78 -4.52
CA ASP A 565 -1.94 21.40 -4.14
C ASP A 565 -2.15 20.35 -3.04
N VAL A 566 -1.76 19.11 -3.32
CA VAL A 566 -2.21 17.94 -2.53
C VAL A 566 -1.06 17.08 -2.06
N GLN A 567 -1.02 16.81 -0.76
CA GLN A 567 -0.08 15.86 -0.18
C GLN A 567 -0.90 14.89 0.67
N VAL A 568 -1.13 13.72 0.12
CA VAL A 568 -1.86 12.69 0.83
C VAL A 568 -1.01 11.41 0.92
N LYS A 569 -0.85 10.95 2.15
CA LYS A 569 0.00 9.82 2.48
C LYS A 569 0.07 9.74 4.01
N ARG A 570 0.57 8.63 4.55
CA ARG A 570 0.68 8.52 5.99
C ARG A 570 1.55 9.68 6.52
N ILE A 571 1.21 10.15 7.72
CA ILE A 571 1.97 11.20 8.40
C ILE A 571 3.26 10.60 8.99
N HIS A 572 4.39 11.18 8.59
CA HIS A 572 5.70 10.70 9.02
CA HIS A 572 5.73 10.68 8.91
C HIS A 572 6.72 11.82 8.89
N GLU A 573 7.70 11.80 9.77
CA GLU A 573 8.77 12.77 9.64
C GLU A 573 9.49 12.65 8.32
N TYR A 574 9.77 11.43 7.84
CA TYR A 574 10.52 11.30 6.62
C TYR A 574 9.79 11.79 5.38
N LYS A 575 8.47 11.71 5.39
CA LYS A 575 7.65 12.22 4.26
C LYS A 575 7.54 13.75 4.23
N ARG A 576 7.90 14.37 5.35
CA ARG A 576 8.11 15.82 5.42
C ARG A 576 6.88 16.65 5.07
N GLN A 577 5.72 16.26 5.59
CA GLN A 577 4.59 17.19 5.69
C GLN A 577 5.01 18.51 6.33
N LEU A 578 6.02 18.45 7.23
CA LEU A 578 6.54 19.69 7.83
C LEU A 578 7.13 20.68 6.85
N LEU A 579 7.80 20.19 5.81
CA LEU A 579 8.36 21.08 4.80
C LEU A 579 7.22 21.79 4.05
N ASN A 580 6.18 21.04 3.73
CA ASN A 580 4.96 21.63 3.10
C ASN A 580 4.40 22.73 4.00
N CYS A 581 4.25 22.46 5.30
CA CYS A 581 3.77 23.47 6.27
C CYS A 581 4.59 24.74 6.25
N LEU A 582 5.91 24.61 6.12
CA LEU A 582 6.78 25.79 6.12
C LEU A 582 6.49 26.61 4.88
N HIS A 583 6.24 25.93 3.76
CA HIS A 583 5.88 26.65 2.54
C HIS A 583 4.53 27.39 2.65
N VAL A 584 3.54 26.72 3.25
CA VAL A 584 2.23 27.32 3.42
C VAL A 584 2.37 28.59 4.26
N ILE A 585 3.10 28.51 5.36
CA ILE A 585 3.31 29.68 6.23
C ILE A 585 4.07 30.81 5.49
N THR A 586 5.06 30.46 4.67
CA THR A 586 5.77 31.41 3.83
C THR A 586 4.80 32.17 2.89
N LEU A 587 3.94 31.43 2.21
CA LEU A 587 2.92 32.02 1.32
C LEU A 587 2.00 32.97 2.06
N TYR A 588 1.55 32.56 3.24
CA TYR A 588 0.71 33.39 4.08
C TYR A 588 1.39 34.72 4.49
N ASN A 589 2.61 34.60 5.04
CA ASN A 589 3.41 35.76 5.46
C ASN A 589 3.72 36.72 4.30
N ARG A 590 4.01 36.18 3.12
CA ARG A 590 4.24 37.00 1.93
C ARG A 590 2.98 37.77 1.51
N ILE A 591 1.83 37.11 1.60
CA ILE A 591 0.54 37.78 1.36
C ILE A 591 0.32 38.92 2.37
N LYS A 592 0.52 38.62 3.65
CA LYS A 592 0.33 39.61 4.70
C LYS A 592 1.27 40.83 4.54
N LYS A 593 2.45 40.60 4.00
CA LYS A 593 3.42 41.67 3.76
C LYS A 593 3.00 42.56 2.59
N GLU A 594 2.43 41.96 1.54
CA GLU A 594 1.99 42.68 0.32
C GLU A 594 0.58 42.26 -0.06
N PRO A 595 -0.43 42.69 0.72
CA PRO A 595 -1.78 42.16 0.50
C PRO A 595 -2.35 42.37 -0.89
N ASN A 596 -1.93 43.45 -1.57
CA ASN A 596 -2.59 43.90 -2.79
C ASN A 596 -1.87 43.48 -4.06
N LYS A 597 -0.88 42.60 -3.91
CA LYS A 597 -0.15 42.00 -5.01
C LYS A 597 -0.85 40.71 -5.41
N PHE A 598 -0.90 40.42 -6.70
CA PHE A 598 -1.55 39.21 -7.18
C PHE A 598 -0.67 37.97 -6.96
N VAL A 599 -1.28 36.92 -6.42
CA VAL A 599 -0.63 35.59 -6.32
C VAL A 599 -1.61 34.54 -6.83
N VAL A 600 -1.08 33.49 -7.46
CA VAL A 600 -1.90 32.39 -7.96
C VAL A 600 -2.61 31.73 -6.76
N PRO A 601 -3.96 31.70 -6.80
CA PRO A 601 -4.72 31.13 -5.70
C PRO A 601 -4.46 29.64 -5.53
N ARG A 602 -4.36 29.21 -4.28
CA ARG A 602 -4.08 27.80 -3.97
C ARG A 602 -5.05 27.26 -2.97
N THR A 603 -5.47 26.00 -3.16
CA THR A 603 -6.05 25.23 -2.08
C THR A 603 -5.07 24.14 -1.73
N VAL A 604 -4.56 24.18 -0.49
CA VAL A 604 -3.53 23.24 -0.06
C VAL A 604 -4.24 22.22 0.81
N MET A 605 -4.20 20.98 0.36
CA MET A 605 -4.88 19.90 1.05
C MET A 605 -3.81 18.91 1.51
N ILE A 606 -3.85 18.56 2.78
CA ILE A 606 -2.93 17.58 3.34
C ILE A 606 -3.80 16.58 4.05
N GLY A 607 -3.56 15.31 3.82
CA GLY A 607 -4.27 14.28 4.58
C GLY A 607 -3.41 13.06 4.84
N GLY A 608 -3.78 12.31 5.88
CA GLY A 608 -3.11 11.08 6.21
C GLY A 608 -3.28 10.76 7.67
N LYS A 609 -3.17 9.47 7.97
CA LYS A 609 -3.28 9.02 9.33
C LYS A 609 -1.92 8.93 9.98
N ALA A 610 -1.89 9.26 11.27
CA ALA A 610 -0.72 9.05 12.14
C ALA A 610 -0.91 7.77 12.91
N ALA A 611 0.16 7.00 13.11
CA ALA A 611 0.11 5.86 14.01
C ALA A 611 -0.29 6.37 15.42
N PRO A 612 -1.18 5.64 16.11
CA PRO A 612 -1.68 6.15 17.41
C PRO A 612 -0.61 6.45 18.45
N GLY A 613 0.51 5.73 18.43
CA GLY A 613 1.58 6.00 19.39
C GLY A 613 2.69 6.94 18.95
N TYR A 614 2.56 7.53 17.76
CA TYR A 614 3.60 8.32 17.16
C TYR A 614 3.34 9.78 17.50
N HIS A 615 3.94 10.22 18.60
CA HIS A 615 3.63 11.54 19.12
C HIS A 615 3.91 12.68 18.13
N MET A 616 5.10 12.72 17.54
CA MET A 616 5.46 13.78 16.58
C MET A 616 4.48 13.86 15.39
N ALA A 617 4.06 12.71 14.84
CA ALA A 617 3.08 12.69 13.76
C ALA A 617 1.75 13.27 14.20
N LYS A 618 1.34 12.99 15.44
CA LYS A 618 0.13 13.58 15.98
C LYS A 618 0.28 15.11 16.14
N MET A 619 1.46 15.55 16.53
CA MET A 619 1.74 16.99 16.64
C MET A 619 1.69 17.68 15.27
N ILE A 620 2.17 17.01 14.22
CA ILE A 620 2.11 17.57 12.86
C ILE A 620 0.68 17.77 12.37
N ILE A 621 -0.21 16.84 12.69
CA ILE A 621 -1.61 16.97 12.35
C ILE A 621 -2.18 18.23 13.02
N LYS A 622 -1.89 18.41 14.30
CA LYS A 622 -2.36 19.55 15.03
C LYS A 622 -1.80 20.85 14.44
N LEU A 623 -0.51 20.88 14.10
CA LEU A 623 0.06 22.03 13.41
C LEU A 623 -0.70 22.40 12.13
N ILE A 624 -1.03 21.39 11.30
CA ILE A 624 -1.69 21.64 10.01
C ILE A 624 -3.06 22.24 10.21
N THR A 625 -3.83 21.72 11.15
CA THR A 625 -5.14 22.28 11.45
C THR A 625 -5.01 23.68 12.09
N ALA A 626 -3.97 23.90 12.88
CA ALA A 626 -3.79 25.22 13.53
C ALA A 626 -3.45 26.32 12.52
N ILE A 627 -2.63 25.99 11.53
CA ILE A 627 -2.33 26.85 10.40
C ILE A 627 -3.61 27.17 9.62
N GLY A 628 -4.42 26.15 9.37
CA GLY A 628 -5.76 26.33 8.77
C GLY A 628 -6.63 27.31 9.54
N ASP A 629 -6.65 27.16 10.86
CA ASP A 629 -7.49 28.02 11.71
C ASP A 629 -7.13 29.49 11.55
N VAL A 630 -5.85 29.78 11.39
CA VAL A 630 -5.39 31.16 11.20
C VAL A 630 -5.61 31.60 9.76
N VAL A 631 -5.08 30.82 8.83
CA VAL A 631 -5.12 31.20 7.41
C VAL A 631 -6.53 31.35 6.86
N ASN A 632 -7.40 30.40 7.17
CA ASN A 632 -8.69 30.32 6.51
C ASN A 632 -9.67 31.37 7.00
N HIS A 633 -9.33 32.10 8.05
CA HIS A 633 -10.23 33.11 8.59
C HIS A 633 -9.65 34.52 8.56
N ASP A 634 -8.52 34.71 7.89
CA ASP A 634 -7.89 36.01 7.78
C ASP A 634 -8.54 36.75 6.61
N PRO A 635 -9.24 37.86 6.88
CA PRO A 635 -9.96 38.51 5.78
C PRO A 635 -9.06 38.98 4.64
N VAL A 636 -7.81 39.31 4.96
CA VAL A 636 -6.88 39.85 3.97
C VAL A 636 -6.47 38.81 2.93
N VAL A 637 -6.52 37.54 3.30
CA VAL A 637 -6.15 36.45 2.40
C VAL A 637 -7.26 36.16 1.42
N GLY A 638 -8.50 36.17 1.92
CA GLY A 638 -9.69 35.93 1.12
C GLY A 638 -9.74 34.50 0.66
N ASP A 639 -9.93 34.29 -0.63
CA ASP A 639 -9.91 32.94 -1.21
C ASP A 639 -8.62 32.69 -2.00
N ARG A 640 -7.58 33.43 -1.67
CA ARG A 640 -6.29 33.28 -2.34
C ARG A 640 -5.49 32.09 -1.78
N LEU A 641 -5.73 31.77 -0.52
CA LEU A 641 -5.02 30.66 0.15
C LEU A 641 -5.96 30.01 1.14
N ARG A 642 -6.15 28.71 0.98
CA ARG A 642 -6.95 27.89 1.88
C ARG A 642 -6.11 26.65 2.23
N VAL A 643 -6.17 26.22 3.49
CA VAL A 643 -5.45 25.01 3.93
C VAL A 643 -6.44 24.06 4.57
N ILE A 644 -6.61 22.87 3.97
CA ILE A 644 -7.59 21.89 4.41
C ILE A 644 -6.87 20.62 4.86
N PHE A 645 -7.23 20.10 6.02
CA PHE A 645 -6.80 18.76 6.40
C PHE A 645 -7.91 17.77 6.04
N LEU A 646 -7.61 16.87 5.10
CA LEU A 646 -8.54 15.86 4.65
C LEU A 646 -8.56 14.69 5.63
N GLU A 647 -9.67 14.57 6.32
CA GLU A 647 -9.87 13.61 7.39
C GLU A 647 -10.09 12.21 6.84
N ASN A 648 -9.55 11.22 7.54
CA ASN A 648 -9.76 9.82 7.26
C ASN A 648 -9.31 9.35 5.85
N TYR A 649 -8.12 9.77 5.45
CA TYR A 649 -7.56 9.38 4.17
C TYR A 649 -7.43 7.86 4.10
N ARG A 650 -7.91 7.30 2.99
CA ARG A 650 -8.07 5.88 2.83
C ARG A 650 -8.27 5.67 1.33
N VAL A 651 -8.43 4.43 0.90
CA VAL A 651 -8.38 4.12 -0.54
C VAL A 651 -9.56 4.81 -1.23
N SER A 652 -10.75 4.74 -0.62
CA SER A 652 -11.93 5.36 -1.25
C SER A 652 -11.79 6.89 -1.37
N LEU A 653 -11.14 7.55 -0.41
CA LEU A 653 -10.89 8.98 -0.51
C LEU A 653 -9.82 9.31 -1.57
N ALA A 654 -8.78 8.48 -1.67
CA ALA A 654 -7.75 8.62 -2.71
C ALA A 654 -8.42 8.61 -4.11
N GLU A 655 -9.42 7.77 -4.29
CA GLU A 655 -10.08 7.65 -5.58
C GLU A 655 -10.82 8.93 -5.93
N LYS A 656 -11.18 9.73 -4.92
CA LYS A 656 -11.85 11.03 -5.15
C LYS A 656 -10.85 12.19 -5.32
N VAL A 657 -9.84 12.26 -4.47
CA VAL A 657 -8.99 13.46 -4.43
C VAL A 657 -7.90 13.41 -5.50
N ILE A 658 -7.41 12.22 -5.85
CA ILE A 658 -6.33 12.14 -6.81
C ILE A 658 -6.74 12.67 -8.21
N PRO A 659 -7.90 12.26 -8.73
CA PRO A 659 -8.34 12.86 -10.04
C PRO A 659 -8.57 14.36 -10.04
N ALA A 660 -8.81 14.92 -8.87
CA ALA A 660 -9.01 16.35 -8.70
C ALA A 660 -7.71 17.17 -8.52
N ALA A 661 -6.56 16.54 -8.35
CA ALA A 661 -5.33 17.29 -8.00
C ALA A 661 -4.64 17.93 -9.20
N ASP A 662 -4.08 19.11 -8.97
CA ASP A 662 -3.21 19.76 -9.92
C ASP A 662 -1.73 19.50 -9.65
N LEU A 663 -1.36 19.53 -8.36
CA LEU A 663 0.03 19.40 -7.98
C LEU A 663 0.12 18.28 -6.93
N SER A 664 1.02 17.36 -7.19
CA SER A 664 1.30 16.21 -6.35
C SER A 664 2.60 16.47 -5.59
N GLU A 665 2.51 16.44 -4.26
CA GLU A 665 3.66 16.71 -3.38
C GLU A 665 4.32 15.40 -2.98
N GLN A 666 5.55 15.21 -3.45
CA GLN A 666 6.33 13.98 -3.23
C GLN A 666 7.72 14.38 -2.75
N ILE A 667 7.81 14.75 -1.48
CA ILE A 667 8.89 15.58 -1.00
C ILE A 667 9.70 14.99 0.17
N SER A 668 9.79 13.68 0.20
CA SER A 668 10.59 12.97 1.17
C SER A 668 12.10 13.29 1.00
N THR A 669 12.84 13.20 2.10
CA THR A 669 14.30 13.36 2.02
C THR A 669 14.88 12.30 1.14
N ALA A 670 15.75 12.71 0.23
CA ALA A 670 16.34 11.78 -0.70
C ALA A 670 16.97 10.60 0.07
N GLY A 671 16.65 9.40 -0.37
CA GLY A 671 17.10 8.18 0.30
C GLY A 671 16.14 7.53 1.29
N THR A 672 14.92 8.06 1.46
CA THR A 672 14.04 7.58 2.52
C THR A 672 12.77 6.89 2.03
N GLU A 673 12.21 7.34 0.90
CA GLU A 673 11.02 6.71 0.34
C GLU A 673 11.50 5.67 -0.64
N ALA A 674 11.36 4.39 -0.30
CA ALA A 674 11.88 3.29 -1.12
C ALA A 674 11.37 3.39 -2.56
N SER A 675 10.06 3.63 -2.71
CA SER A 675 9.49 3.88 -4.03
C SER A 675 8.47 5.01 -4.00
N GLY A 676 7.43 4.83 -3.20
CA GLY A 676 6.22 5.62 -3.34
C GLY A 676 5.37 5.00 -4.43
N THR A 677 4.06 5.09 -4.26
CA THR A 677 3.09 4.68 -5.25
C THR A 677 2.00 5.73 -5.43
N GLY A 678 1.71 6.54 -4.41
CA GLY A 678 0.82 7.67 -4.60
C GLY A 678 1.33 8.56 -5.73
N ASN A 679 2.64 8.75 -5.77
CA ASN A 679 3.27 9.52 -6.86
C ASN A 679 2.77 9.09 -8.26
N MET A 680 2.73 7.78 -8.48
CA MET A 680 2.32 7.21 -9.77
C MET A 680 0.84 7.43 -10.05
N LYS A 681 0.01 7.35 -9.00
CA LYS A 681 -1.43 7.58 -9.15
C LYS A 681 -1.69 9.01 -9.61
N PHE A 682 -0.99 9.98 -9.05
CA PHE A 682 -1.16 11.37 -9.45
C PHE A 682 -0.69 11.62 -10.90
N MET A 683 0.41 10.99 -11.29
CA MET A 683 0.92 11.14 -12.62
C MET A 683 -0.09 10.67 -13.67
N LEU A 684 -0.73 9.54 -13.40
CA LEU A 684 -1.68 8.93 -14.30
C LEU A 684 -2.96 9.76 -14.47
N ASN A 685 -3.26 10.59 -13.46
CA ASN A 685 -4.50 11.34 -13.36
C ASN A 685 -4.41 12.84 -13.65
N GLY A 686 -3.28 13.26 -14.18
CA GLY A 686 -3.17 14.59 -14.79
C GLY A 686 -2.75 15.65 -13.81
N ALA A 687 -1.95 15.26 -12.80
CA ALA A 687 -1.30 16.23 -11.96
C ALA A 687 0.17 16.31 -12.30
N LEU A 688 0.77 17.47 -12.10
CA LEU A 688 2.21 17.62 -12.22
C LEU A 688 2.78 17.36 -10.83
N THR A 689 4.05 16.98 -10.78
CA THR A 689 4.70 16.56 -9.54
C THR A 689 5.80 17.55 -9.12
N ILE A 690 5.75 17.99 -7.87
CA ILE A 690 6.89 18.64 -7.24
C ILE A 690 7.52 17.62 -6.29
N GLY A 691 8.79 17.35 -6.48
CA GLY A 691 9.40 16.31 -5.71
C GLY A 691 10.91 16.30 -5.71
N THR A 692 11.44 15.57 -4.73
CA THR A 692 12.83 15.24 -4.63
C THR A 692 13.18 14.06 -5.52
N MET A 693 14.46 13.89 -5.77
CA MET A 693 14.95 12.72 -6.50
C MET A 693 15.04 11.54 -5.54
N ASP A 694 13.87 11.02 -5.19
CA ASP A 694 13.76 9.92 -4.22
C ASP A 694 12.86 8.82 -4.77
N GLY A 695 13.15 7.58 -4.40
CA GLY A 695 12.37 6.41 -4.86
C GLY A 695 12.04 6.43 -6.34
N ALA A 696 10.79 6.14 -6.68
CA ALA A 696 10.40 6.08 -8.10
C ALA A 696 10.27 7.45 -8.78
N ASN A 697 10.29 8.54 -8.01
CA ASN A 697 10.24 9.89 -8.60
C ASN A 697 11.35 10.03 -9.65
N VAL A 698 12.50 9.46 -9.36
CA VAL A 698 13.67 9.46 -10.26
C VAL A 698 13.32 8.86 -11.65
N GLU A 699 12.66 7.72 -11.60
CA GLU A 699 12.25 7.02 -12.82
C GLU A 699 11.09 7.73 -13.48
N MET A 700 10.20 8.35 -12.72
CA MET A 700 9.10 9.11 -13.32
C MET A 700 9.65 10.34 -14.10
N ALA A 701 10.61 11.06 -13.50
CA ALA A 701 11.26 12.19 -14.18
C ALA A 701 12.01 11.75 -15.42
N GLU A 702 12.62 10.59 -15.35
CA GLU A 702 13.35 10.04 -16.47
C GLU A 702 12.42 9.71 -17.62
N GLU A 703 11.25 9.14 -17.29
CA GLU A 703 10.27 8.80 -18.32
C GLU A 703 9.65 10.04 -18.96
N ALA A 704 9.25 11.01 -18.16
CA ALA A 704 8.56 12.19 -18.67
C ALA A 704 9.49 13.24 -19.26
N GLY A 705 10.76 13.21 -18.83
CA GLY A 705 11.68 14.29 -19.07
C GLY A 705 11.75 15.24 -17.91
N GLU A 706 12.97 15.55 -17.49
CA GLU A 706 13.20 16.42 -16.34
C GLU A 706 12.56 17.79 -16.50
N GLU A 707 12.44 18.26 -17.73
CA GLU A 707 11.77 19.55 -18.02
C GLU A 707 10.28 19.54 -17.73
N ASN A 708 9.68 18.37 -17.59
CA ASN A 708 8.24 18.26 -17.34
C ASN A 708 7.93 17.82 -15.93
N PHE A 709 8.90 18.02 -15.05
CA PHE A 709 8.80 17.63 -13.65
C PHE A 709 9.37 18.77 -12.81
N PHE A 710 8.81 19.03 -11.63
CA PHE A 710 9.39 20.06 -10.78
C PHE A 710 10.30 19.45 -9.72
N ILE A 711 11.57 19.29 -10.07
CA ILE A 711 12.55 18.61 -9.23
C ILE A 711 13.29 19.66 -8.43
N PHE A 712 13.45 19.40 -7.14
CA PHE A 712 14.23 20.27 -6.28
C PHE A 712 14.97 19.47 -5.22
N GLY A 713 15.92 20.14 -4.57
CA GLY A 713 16.49 19.61 -3.34
C GLY A 713 17.72 18.75 -3.45
N MET A 714 18.22 18.38 -2.27
CA MET A 714 19.38 17.50 -2.16
C MET A 714 19.12 16.17 -2.86
N ARG A 715 20.13 15.66 -3.57
CA ARG A 715 20.15 14.27 -4.00
C ARG A 715 20.70 13.44 -2.86
N VAL A 716 20.68 12.12 -3.04
CA VAL A 716 21.21 11.21 -2.01
C VAL A 716 22.66 11.57 -1.64
N GLU A 717 23.47 11.88 -2.65
CA GLU A 717 24.89 12.19 -2.47
C GLU A 717 25.08 13.45 -1.62
N ASP A 718 24.15 14.40 -1.78
CA ASP A 718 24.19 15.65 -1.03
C ASP A 718 23.81 15.41 0.44
N VAL A 719 22.86 14.51 0.67
CA VAL A 719 22.50 14.16 2.04
C VAL A 719 23.72 13.52 2.75
N ASP A 720 24.38 12.59 2.07
CA ASP A 720 25.59 11.90 2.58
C ASP A 720 26.68 12.91 2.93
N ARG A 721 26.89 13.89 2.05
CA ARG A 721 27.87 14.96 2.28
C ARG A 721 27.57 15.78 3.52
N LEU A 722 26.31 16.21 3.66
CA LEU A 722 25.89 16.94 4.85
C LEU A 722 26.09 16.14 6.12
N ASP A 723 25.80 14.83 6.07
CA ASP A 723 25.94 13.95 7.24
C ASP A 723 27.41 13.81 7.65
N GLN A 724 28.30 13.72 6.67
CA GLN A 724 29.74 13.64 6.93
C GLN A 724 30.26 14.90 7.61
N ARG A 725 29.81 16.05 7.13
CA ARG A 725 30.14 17.35 7.71
C ARG A 725 29.47 17.61 9.06
N GLY A 726 28.22 17.15 9.20
CA GLY A 726 27.39 17.44 10.37
C GLY A 726 26.27 18.44 10.06
N TYR A 727 25.02 17.99 10.19
CA TYR A 727 23.89 18.86 9.88
C TYR A 727 23.66 19.84 11.04
N ASN A 728 23.79 21.12 10.76
CA ASN A 728 23.53 22.17 11.73
C ASN A 728 22.37 23.04 11.25
N ALA A 729 21.20 22.81 11.83
CA ALA A 729 19.97 23.51 11.43
C ALA A 729 20.08 25.02 11.66
N GLN A 730 20.79 25.39 12.74
CA GLN A 730 20.99 26.80 13.13
C GLN A 730 21.56 27.67 11.99
N GLU A 731 22.43 27.09 11.18
CA GLU A 731 22.99 27.76 10.02
C GLU A 731 21.89 28.33 9.09
N TYR A 732 20.87 27.52 8.82
CA TYR A 732 19.80 27.88 7.89
C TYR A 732 18.89 28.95 8.51
N TYR A 733 18.56 28.77 9.77
CA TYR A 733 17.87 29.78 10.58
C TYR A 733 18.59 31.13 10.54
N ASP A 734 19.91 31.07 10.70
CA ASP A 734 20.71 32.30 10.74
C ASP A 734 20.78 33.02 9.41
N ARG A 735 20.66 32.29 8.31
CA ARG A 735 20.90 32.85 6.98
C ARG A 735 19.63 33.16 6.19
N ILE A 736 18.48 32.65 6.62
CA ILE A 736 17.26 32.76 5.83
C ILE A 736 16.23 33.48 6.67
N PRO A 737 16.06 34.79 6.44
CA PRO A 737 15.14 35.60 7.26
C PRO A 737 13.71 35.10 7.27
N GLU A 738 13.20 34.65 6.14
CA GLU A 738 11.83 34.14 6.05
C GLU A 738 11.62 32.89 6.89
N LEU A 739 12.65 32.06 6.96
CA LEU A 739 12.62 30.85 7.78
C LEU A 739 12.67 31.21 9.27
N ARG A 740 13.51 32.17 9.63
CA ARG A 740 13.55 32.65 11.02
C ARG A 740 12.21 33.22 11.49
N GLN A 741 11.55 33.99 10.63
CA GLN A 741 10.22 34.53 10.95
C GLN A 741 9.23 33.42 11.33
N ILE A 742 9.19 32.38 10.52
CA ILE A 742 8.29 31.22 10.76
C ILE A 742 8.56 30.54 12.10
N ILE A 743 9.82 30.26 12.38
CA ILE A 743 10.19 29.59 13.63
C ILE A 743 9.82 30.46 14.83
N GLU A 744 10.03 31.76 14.71
CA GLU A 744 9.65 32.70 15.76
C GLU A 744 8.12 32.72 15.94
N GLN A 745 7.38 32.65 14.84
CA GLN A 745 5.91 32.56 14.95
C GLN A 745 5.49 31.29 15.69
N LEU A 746 6.06 30.15 15.28
CA LEU A 746 5.80 28.87 15.96
C LEU A 746 6.10 28.95 17.45
N SER A 747 7.33 29.32 17.78
CA SER A 747 7.78 29.37 19.19
C SER A 747 6.95 30.31 20.05
N SER A 748 6.51 31.42 19.45
CA SER A 748 5.89 32.49 20.24
C SER A 748 4.39 32.32 20.46
N GLY A 749 3.76 31.36 19.77
CA GLY A 749 2.33 31.12 19.97
C GLY A 749 1.41 31.79 18.96
N PHE A 750 1.97 32.23 17.85
CA PHE A 750 1.17 32.83 16.79
C PHE A 750 0.07 31.89 16.28
N PHE A 751 0.40 30.59 16.15
CA PHE A 751 -0.57 29.58 15.72
C PHE A 751 -1.25 28.80 16.85
N SER A 752 -1.06 29.26 18.09
CA SER A 752 -1.74 28.70 19.26
C SER A 752 -1.81 29.76 20.39
N PRO A 753 -2.63 30.82 20.20
CA PRO A 753 -2.70 31.94 21.16
C PRO A 753 -3.00 31.56 22.61
N LYS A 754 -3.87 30.56 22.81
CA LYS A 754 -4.26 30.12 24.15
C LYS A 754 -3.29 29.12 24.78
N GLN A 755 -2.45 28.49 23.95
CA GLN A 755 -1.38 27.62 24.44
C GLN A 755 -0.10 27.98 23.69
N PRO A 756 0.58 29.05 24.10
CA PRO A 756 1.72 29.56 23.31
C PRO A 756 2.88 28.58 23.11
N ASP A 757 3.10 27.65 24.05
CA ASP A 757 4.22 26.72 23.94
C ASP A 757 3.81 25.38 23.27
N LEU A 758 2.66 25.37 22.59
CA LEU A 758 2.07 24.11 22.10
C LEU A 758 2.99 23.36 21.14
N PHE A 759 3.73 24.09 20.31
CA PHE A 759 4.55 23.48 19.26
C PHE A 759 6.03 23.46 19.58
N LYS A 760 6.39 23.55 20.86
CA LYS A 760 7.83 23.60 21.25
C LYS A 760 8.59 22.31 20.89
N ASP A 761 7.90 21.17 20.96
CA ASP A 761 8.48 19.90 20.58
C ASP A 761 8.85 19.93 19.11
N ILE A 762 8.00 20.55 18.30
CA ILE A 762 8.25 20.61 16.85
C ILE A 762 9.46 21.50 16.59
N VAL A 763 9.47 22.68 17.20
CA VAL A 763 10.60 23.60 17.07
C VAL A 763 11.91 22.96 17.53
N ASN A 764 11.89 22.35 18.71
CA ASN A 764 13.10 21.73 19.27
C ASN A 764 13.65 20.68 18.33
N MET A 765 12.75 19.88 17.73
CA MET A 765 13.16 18.84 16.79
C MET A 765 13.80 19.44 15.54
N LEU A 766 13.11 20.41 14.93
CA LEU A 766 13.62 21.09 13.76
C LEU A 766 15.00 21.71 13.97
N MET A 767 15.20 22.37 15.11
CA MET A 767 16.46 23.06 15.41
C MET A 767 17.62 22.17 15.86
N HIS A 768 17.33 21.06 16.55
CA HIS A 768 18.40 20.28 17.22
C HIS A 768 18.52 18.81 16.90
N HIS A 769 17.46 18.15 16.40
CA HIS A 769 17.56 16.71 16.12
C HIS A 769 16.68 16.26 14.96
N ASP A 770 16.79 16.98 13.85
CA ASP A 770 16.06 16.65 12.65
C ASP A 770 16.85 15.65 11.79
N ARG A 771 16.46 14.38 11.85
CA ARG A 771 17.03 13.36 10.99
C ARG A 771 16.77 13.56 9.50
N PHE A 772 15.77 14.37 9.13
CA PHE A 772 15.34 14.46 7.74
C PHE A 772 15.57 15.83 7.07
N LYS A 773 16.29 16.71 7.76
CA LYS A 773 16.92 17.87 7.13
C LYS A 773 15.93 18.79 6.40
N VAL A 774 14.85 19.09 7.10
CA VAL A 774 13.77 19.93 6.57
C VAL A 774 14.31 21.29 6.11
N PHE A 775 15.08 21.96 6.98
CA PHE A 775 15.64 23.29 6.65
C PHE A 775 16.58 23.25 5.43
N ALA A 776 17.30 22.15 5.21
CA ALA A 776 18.26 22.08 4.11
C ALA A 776 17.62 22.17 2.74
N ASP A 777 16.37 21.71 2.61
CA ASP A 777 15.67 21.75 1.33
C ASP A 777 14.69 22.92 1.20
N TYR A 778 14.60 23.77 2.21
CA TYR A 778 13.58 24.84 2.29
C TYR A 778 13.70 25.88 1.18
N GLU A 779 14.89 26.48 0.99
CA GLU A 779 15.03 27.51 -0.05
C GLU A 779 14.72 26.98 -1.45
N GLU A 780 15.30 25.85 -1.81
CA GLU A 780 15.07 25.26 -3.15
C GLU A 780 13.64 24.88 -3.35
N TYR A 781 12.99 24.38 -2.30
CA TYR A 781 11.54 24.05 -2.36
C TYR A 781 10.67 25.28 -2.65
N VAL A 782 10.89 26.34 -1.90
CA VAL A 782 10.13 27.58 -2.09
C VAL A 782 10.30 28.16 -3.49
N LYS A 783 11.54 28.16 -3.99
CA LYS A 783 11.82 28.62 -5.35
C LYS A 783 11.20 27.76 -6.42
N CYS A 784 11.18 26.45 -6.20
CA CYS A 784 10.56 25.55 -7.14
C CYS A 784 9.03 25.75 -7.16
N GLN A 785 8.44 26.00 -5.99
CA GLN A 785 7.01 26.29 -5.87
C GLN A 785 6.61 27.59 -6.61
N GLU A 786 7.50 28.57 -6.64
CA GLU A 786 7.30 29.77 -7.47
C GLU A 786 7.23 29.42 -8.95
N ARG A 787 8.06 28.49 -9.41
CA ARG A 787 8.01 28.06 -10.80
C ARG A 787 6.68 27.35 -11.15
N VAL A 788 6.16 26.57 -10.20
CA VAL A 788 4.83 25.94 -10.36
C VAL A 788 3.73 26.98 -10.59
N SER A 789 3.73 27.99 -9.73
CA SER A 789 2.74 29.07 -9.77
C SER A 789 2.81 29.84 -11.10
N ALA A 790 4.03 30.06 -11.59
CA ALA A 790 4.22 30.74 -12.87
C ALA A 790 3.66 29.92 -14.02
N LEU A 791 3.85 28.61 -14.00
CA LEU A 791 3.34 27.78 -15.10
C LEU A 791 1.81 27.68 -15.04
N TYR A 792 1.26 27.67 -13.83
CA TYR A 792 -0.20 27.55 -13.68
C TYR A 792 -0.96 28.75 -14.28
N LYS A 793 -0.32 29.92 -14.28
CA LYS A 793 -0.86 31.13 -14.93
C LYS A 793 -1.01 31.01 -16.43
N ASN A 794 -0.34 30.03 -17.04
CA ASN A 794 -0.48 29.73 -18.46
C ASN A 794 -1.17 28.37 -18.69
N PRO A 795 -2.52 28.33 -18.66
CA PRO A 795 -3.31 27.08 -18.74
C PRO A 795 -2.96 26.15 -19.89
N ARG A 796 -2.70 26.71 -21.06
CA ARG A 796 -2.38 25.89 -22.22
C ARG A 796 -1.06 25.15 -22.02
N GLU A 797 -0.04 25.84 -21.50
CA GLU A 797 1.25 25.21 -21.30
C GLU A 797 1.27 24.28 -20.06
N TRP A 798 0.56 24.66 -19.02
CA TRP A 798 0.27 23.72 -17.92
C TRP A 798 -0.26 22.41 -18.48
N THR A 799 -1.37 22.49 -19.21
CA THR A 799 -1.97 21.30 -19.76
C THR A 799 -1.10 20.53 -20.74
N ARG A 800 -0.29 21.21 -21.55
CA ARG A 800 0.63 20.47 -22.40
C ARG A 800 1.65 19.67 -21.58
N MET A 801 2.14 20.22 -20.48
CA MET A 801 3.08 19.44 -19.65
C MET A 801 2.37 18.22 -19.03
N VAL A 802 1.12 18.41 -18.60
CA VAL A 802 0.26 17.32 -18.06
C VAL A 802 0.19 16.20 -19.10
N ILE A 803 -0.10 16.53 -20.36
CA ILE A 803 -0.22 15.50 -21.39
C ILE A 803 1.07 14.73 -21.54
N ARG A 804 2.20 15.42 -21.41
CA ARG A 804 3.51 14.75 -21.49
C ARG A 804 3.74 13.79 -20.31
N ASN A 805 3.16 14.11 -19.16
CA ASN A 805 3.22 13.21 -17.98
C ASN A 805 2.30 12.01 -18.16
N ILE A 806 1.05 12.26 -18.48
CA ILE A 806 0.13 11.14 -18.66
C ILE A 806 0.65 10.18 -19.72
N ALA A 807 1.20 10.72 -20.82
CA ALA A 807 1.66 9.93 -21.96
C ALA A 807 2.84 9.01 -21.65
N THR A 808 3.64 9.35 -20.64
CA THR A 808 4.84 8.57 -20.30
C THR A 808 4.66 7.84 -18.96
N SER A 809 3.40 7.73 -18.51
CA SER A 809 3.13 7.03 -17.23
C SER A 809 3.08 5.50 -17.38
N GLY A 810 3.14 5.00 -18.63
CA GLY A 810 2.99 3.57 -18.91
C GLY A 810 3.87 2.62 -18.12
N LYS A 811 5.12 3.00 -17.90
CA LYS A 811 6.06 2.14 -17.18
C LYS A 811 5.53 1.75 -15.76
N PHE A 812 4.66 2.58 -15.21
CA PHE A 812 4.27 2.48 -13.81
C PHE A 812 2.99 1.69 -13.61
N SER A 813 2.60 0.95 -14.64
CA SER A 813 1.58 -0.05 -14.49
C SER A 813 2.13 -1.28 -13.74
N SER A 814 1.36 -1.74 -12.76
CA SER A 814 1.73 -2.94 -12.03
C SER A 814 1.66 -4.17 -12.93
N ASP A 815 1.04 -4.08 -14.12
CA ASP A 815 1.16 -5.17 -15.11
C ASP A 815 2.60 -5.32 -15.58
N ARG A 816 3.30 -4.20 -15.74
CA ARG A 816 4.73 -4.25 -16.13
C ARG A 816 5.55 -4.87 -14.98
N THR A 817 5.30 -4.39 -13.76
CA THR A 817 5.96 -4.91 -12.57
C THR A 817 5.79 -6.43 -12.44
N ILE A 818 4.56 -6.92 -12.51
CA ILE A 818 4.28 -8.33 -12.30
C ILE A 818 4.88 -9.18 -13.42
N ALA A 819 4.82 -8.71 -14.66
CA ALA A 819 5.49 -9.46 -15.73
C ALA A 819 7.00 -9.64 -15.43
N GLN A 820 7.62 -8.65 -14.79
CA GLN A 820 9.04 -8.75 -14.44
C GLN A 820 9.34 -9.75 -13.32
N TYR A 821 8.52 -9.73 -12.25
CA TYR A 821 8.58 -10.77 -11.24
C TYR A 821 8.37 -12.15 -11.84
N ALA A 822 7.39 -12.27 -12.71
CA ALA A 822 7.05 -13.55 -13.33
C ALA A 822 8.24 -14.13 -14.13
N ARG A 823 8.84 -13.32 -14.99
CA ARG A 823 9.93 -13.77 -15.85
C ARG A 823 11.27 -13.92 -15.11
N GLU A 824 11.57 -12.99 -14.21
CA GLU A 824 12.89 -12.87 -13.61
C GLU A 824 13.03 -13.51 -12.22
N ILE A 825 11.91 -13.72 -11.53
CA ILE A 825 11.94 -14.35 -10.22
C ILE A 825 11.18 -15.68 -10.17
N TRP A 826 9.93 -15.68 -10.62
CA TRP A 826 9.06 -16.85 -10.44
C TRP A 826 9.23 -17.93 -11.49
N GLY A 827 9.77 -17.57 -12.65
CA GLY A 827 10.01 -18.52 -13.75
C GLY A 827 8.72 -18.97 -14.42
N VAL A 828 7.79 -18.04 -14.61
CA VAL A 828 6.52 -18.33 -15.29
C VAL A 828 6.20 -17.24 -16.32
N GLU A 829 5.51 -17.62 -17.39
CA GLU A 829 5.17 -16.68 -18.46
C GLU A 829 3.75 -16.11 -18.31
N PRO A 830 3.62 -14.78 -18.36
CA PRO A 830 2.30 -14.15 -18.34
C PRO A 830 1.46 -14.45 -19.58
N SER A 831 0.16 -14.22 -19.48
CA SER A 831 -0.75 -14.50 -20.59
C SER A 831 -1.90 -13.50 -20.62
N ARG A 832 -2.22 -13.00 -21.80
CA ARG A 832 -3.39 -12.15 -21.98
C ARG A 832 -4.56 -12.93 -22.61
N GLN A 833 -4.38 -14.23 -22.80
CA GLN A 833 -5.43 -15.05 -23.41
C GLN A 833 -6.60 -15.29 -22.45
N ARG A 834 -7.80 -15.20 -22.99
CA ARG A 834 -9.02 -15.23 -22.23
C ARG A 834 -9.42 -16.67 -22.00
N LEU A 835 -9.81 -17.01 -20.77
CA LEU A 835 -10.51 -18.28 -20.54
C LEU A 835 -11.90 -18.12 -21.15
N PRO A 836 -12.54 -19.23 -21.54
CA PRO A 836 -13.89 -19.10 -22.07
C PRO A 836 -14.91 -18.92 -20.96
N ALA A 837 -15.95 -18.12 -21.21
CA ALA A 837 -17.00 -17.85 -20.22
C ALA A 837 -18.18 -18.83 -20.38
N1 PLP B . -2.41 5.16 1.38
C2 PLP B . -3.43 5.01 0.51
C2A PLP B . -4.86 4.90 0.98
C3 PLP B . -3.11 4.86 -0.91
O3 PLP B . -4.08 4.64 -1.84
C4 PLP B . -1.70 4.92 -1.31
C4A PLP B . -1.26 4.79 -2.74
C5 PLP B . -0.69 5.09 -0.26
C6 PLP B . -1.11 5.21 1.05
C5A PLP B . 0.75 5.23 -0.60
O4P PLP B . 0.98 6.63 -0.87
P PLP B . 2.54 7.16 -0.84
O1P PLP B . 2.35 8.60 -1.22
O2P PLP B . 2.99 6.95 0.56
O3P PLP B . 3.29 6.29 -1.84
C6 6NE C . 6.07 -1.10 6.33
C8 6NE C . 6.46 -2.11 8.48
N5 6NE C . 5.84 0.14 4.12
C9 6NE C . 4.99 -2.24 8.68
O6' 6NE C . 6.69 -0.91 -1.88
C6' 6NE C . 5.46 -0.31 -1.38
C5' 6NE C . 5.75 0.79 -0.34
C4' 6NE C . 6.75 1.85 -0.86
O4' 6NE C . 6.23 2.49 -2.03
O5' 6NE C . 6.24 0.23 0.87
C1' 6NE C . 6.32 1.22 1.89
C2' 6NE C . 7.41 2.24 1.50
O2' 6NE C . 7.53 3.25 2.48
C3' 6NE C . 7.04 2.92 0.16
O3' 6NE C . 8.08 3.77 -0.31
C1 6NE C . 6.68 0.52 3.15
N2 6NE C . 7.94 0.07 3.46
C3 6NE C . 7.88 -0.54 4.65
C4 6NE C . 6.57 -0.49 5.09
C7 6NE C . 6.96 -1.55 7.33
C12 6NE C . 7.31 -2.54 9.50
C13 6NE C . 6.79 -3.13 10.64
C14 6NE C . 5.41 -3.29 10.81
C15 6NE C . 4.52 -2.82 9.84
C10 6NE C . 4.13 -1.79 7.67
C11 6NE C . 4.67 -1.23 6.53
S DMS D . -8.14 -25.82 -3.87
O DMS D . -7.56 -27.10 -3.37
C1 DMS D . -9.38 -26.15 -5.00
C2 DMS D . -9.03 -25.09 -2.60
S DMS E . -9.99 -30.23 -7.17
O DMS E . -9.85 -30.45 -5.70
C1 DMS E . -11.15 -31.30 -7.82
C2 DMS E . -10.66 -28.70 -7.52
#